data_5X9I
#
_entry.id   5X9I
#
_cell.length_a   150.788
_cell.length_b   52.420
_cell.length_c   99.205
_cell.angle_alpha   90.00
_cell.angle_beta   115.96
_cell.angle_gamma   90.00
#
_symmetry.space_group_name_H-M   'C 1 2 1'
#
loop_
_entity.id
_entity.type
_entity.pdbx_description
1 polymer 'Penicillin V acylase-like protein'
2 non-polymer '3-OXOOCTANOIC ACID'
3 non-polymer GLYCEROL
4 water water
#
_entity_poly.entity_id   1
_entity_poly.type   'polypeptide(L)'
_entity_poly.pdbx_seq_one_letter_code
;SSRLVTETQYGTMLMRTADWVSTAPFDGHMSVFPVGTERTMRGQVAEYQQAMTKWQTKYHTLSIEEHGAFGGLSGQTSNE
KGLSVMALSQHDSEPYLSQHKDNGAPAVNTADVVSFITERYATTAEVKAALDNGEFQIAWASAPNGMEHAAPLHYSVVDA
DGNIMLIQLVKGGEQKIYLGDAESDLRVKTNDPLQEKHREYMQQFDLKDPSVATKMPWSIGGLERNSRLLAMSTHMDLEG
LSYTETVARQKGTFDAAALVPFGVQDPKTGEDYPSFFSMQYNLDNGDIWFRSLMSGKEIKFNLEDTKQFKTPMHADIMAQ
VDKGAQTITWSKMHHHHHH
;
_entity_poly.pdbx_strand_id   A,B
#
loop_
_chem_comp.id
_chem_comp.type
_chem_comp.name
_chem_comp.formula
GOL non-polymer GLYCEROL 'C3 H8 O3'
OOA non-polymer '3-OXOOCTANOIC ACID' 'C8 H14 O3'
#
# COMPACT_ATOMS: atom_id res chain seq x y z
N SER A 1 -2.00 9.21 11.89
CA SER A 1 -2.76 9.69 10.72
C SER A 1 -1.85 10.61 9.91
N SER A 2 -2.03 10.60 8.60
CA SER A 2 -1.23 11.42 7.71
C SER A 2 -2.18 11.95 6.63
N ARG A 3 -1.86 13.15 6.13
CA ARG A 3 -2.66 13.76 5.13
C ARG A 3 -1.79 14.44 4.12
N LEU A 4 -2.08 14.21 2.83
CA LEU A 4 -1.33 14.79 1.69
C LEU A 4 -2.27 15.47 0.72
N VAL A 5 -1.95 16.71 0.34
CA VAL A 5 -2.61 17.41 -0.67
C VAL A 5 -1.71 17.42 -1.88
N THR A 6 -2.26 17.08 -3.06
CA THR A 6 -1.51 17.11 -4.32
C THR A 6 -2.27 17.78 -5.43
N GLU A 7 -1.72 18.89 -5.99
CA GLU A 7 -2.35 19.57 -7.10
CA GLU A 7 -2.37 19.57 -7.10
C GLU A 7 -2.15 18.66 -8.32
N THR A 8 -3.24 18.40 -9.02
CA THR A 8 -3.11 17.70 -10.27
C THR A 8 -3.88 18.39 -11.35
N GLN A 9 -3.59 17.97 -12.59
CA GLN A 9 -4.34 18.58 -13.72
C GLN A 9 -5.82 18.25 -13.72
N TYR A 10 -6.22 17.20 -12.98
CA TYR A 10 -7.60 16.78 -12.91
C TYR A 10 -8.32 17.25 -11.66
N GLY A 11 -7.61 17.99 -10.81
CA GLY A 11 -8.17 18.45 -9.56
C GLY A 11 -7.23 18.35 -8.41
N THR A 12 -7.61 19.06 -7.35
CA THR A 12 -6.85 19.06 -6.12
C THR A 12 -7.21 17.78 -5.35
N MET A 13 -6.22 16.95 -5.21
CA MET A 13 -6.39 15.59 -4.60
C MET A 13 -5.95 15.60 -3.15
N LEU A 14 -6.70 15.02 -2.28
CA LEU A 14 -6.35 14.90 -0.88
C LEU A 14 -6.46 13.47 -0.46
N MET A 15 -5.43 12.97 0.25
CA MET A 15 -5.44 11.61 0.82
CA MET A 15 -5.47 11.64 0.83
C MET A 15 -5.18 11.70 2.30
N ARG A 16 -5.90 10.91 3.07
CA ARG A 16 -5.71 10.91 4.51
C ARG A 16 -5.96 9.50 5.14
N THR A 17 -5.06 9.07 6.03
CA THR A 17 -5.20 7.85 6.77
C THR A 17 -5.66 8.21 8.18
N ALA A 18 -6.43 7.28 8.74
CA ALA A 18 -6.83 7.29 10.14
C ALA A 18 -6.08 6.10 10.82
N ASP A 19 -5.18 6.43 11.77
CA ASP A 19 -4.24 5.48 12.41
C ASP A 19 -4.53 5.53 13.90
N TRP A 20 -4.40 4.40 14.57
CA TRP A 20 -4.54 4.42 16.05
C TRP A 20 -3.87 3.15 16.61
N VAL A 21 -3.77 3.07 17.92
CA VAL A 21 -3.29 1.88 18.49
C VAL A 21 -4.21 0.73 18.29
N SER A 22 -3.60 -0.46 18.19
CA SER A 22 -4.37 -1.66 17.87
C SER A 22 -5.28 -2.12 18.96
N THR A 23 -5.04 -1.64 20.14
CA THR A 23 -5.86 -2.00 21.26
C THR A 23 -7.21 -1.26 21.32
N ALA A 24 -7.40 -0.26 20.44
CA ALA A 24 -8.65 0.48 20.40
C ALA A 24 -8.96 0.74 18.90
N PRO A 25 -9.31 -0.33 18.20
CA PRO A 25 -9.40 -0.23 16.71
C PRO A 25 -10.43 0.78 16.25
N PHE A 26 -10.08 1.49 15.15
CA PHE A 26 -11.03 2.42 14.56
C PHE A 26 -12.17 1.74 13.81
N ASP A 27 -13.27 2.48 13.67
CA ASP A 27 -14.48 2.08 12.97
C ASP A 27 -15.11 3.31 12.31
N GLY A 28 -14.83 3.51 11.02
CA GLY A 28 -15.24 4.70 10.26
C GLY A 28 -16.69 4.64 9.86
N HIS A 29 -17.43 5.73 10.10
CA HIS A 29 -18.85 5.83 9.66
C HIS A 29 -18.93 7.10 8.83
N MET A 30 -20.03 7.27 8.10
CA MET A 30 -20.27 8.51 7.35
CA MET A 30 -20.25 8.55 7.49
C MET A 30 -21.67 9.05 7.65
N SER A 31 -21.77 10.38 7.82
CA SER A 31 -23.09 11.02 7.90
C SER A 31 -23.22 12.04 6.75
N VAL A 32 -24.41 12.19 6.26
CA VAL A 32 -24.73 13.22 5.26
C VAL A 32 -25.62 14.27 5.91
N PHE A 33 -25.21 15.53 5.82
CA PHE A 33 -26.03 16.66 6.30
C PHE A 33 -26.46 17.53 5.09
N PRO A 34 -27.72 17.39 4.63
CA PRO A 34 -28.23 18.24 3.55
C PRO A 34 -28.43 19.68 3.90
N VAL A 35 -28.42 20.50 2.86
CA VAL A 35 -28.72 21.94 3.09
C VAL A 35 -30.03 22.09 3.84
N GLY A 36 -30.00 22.98 4.84
CA GLY A 36 -31.25 23.35 5.59
C GLY A 36 -31.40 22.54 6.83
N THR A 37 -30.59 21.51 7.07
CA THR A 37 -30.71 20.75 8.29
C THR A 37 -30.55 21.61 9.51
N GLU A 38 -31.50 21.44 10.42
CA GLU A 38 -31.37 22.05 11.76
C GLU A 38 -30.55 21.18 12.61
N ARG A 39 -29.35 21.64 12.95
CA ARG A 39 -28.32 20.87 13.64
C ARG A 39 -28.21 21.23 15.14
N THR A 40 -28.05 20.23 15.99
CA THR A 40 -27.82 20.40 17.37
C THR A 40 -26.45 19.81 17.68
N MET A 41 -25.62 20.62 18.35
CA MET A 41 -24.31 20.20 18.72
C MET A 41 -24.32 19.01 19.63
N ARG A 42 -23.36 18.07 19.42
CA ARG A 42 -23.16 16.99 20.36
C ARG A 42 -22.26 17.45 21.46
N GLY A 43 -22.53 16.97 22.66
CA GLY A 43 -21.67 17.22 23.77
C GLY A 43 -21.84 18.58 24.41
N GLN A 44 -21.02 18.79 25.42
CA GLN A 44 -20.98 20.10 26.08
C GLN A 44 -19.67 20.82 25.86
N VAL A 45 -19.71 22.11 26.19
CA VAL A 45 -18.53 22.94 26.11
C VAL A 45 -18.55 23.81 27.36
N ALA A 46 -18.68 23.15 28.52
CA ALA A 46 -18.93 23.91 29.78
C ALA A 46 -17.80 24.88 30.17
N GLU A 47 -16.59 24.62 29.72
CA GLU A 47 -15.46 25.48 29.98
C GLU A 47 -15.58 26.84 29.28
N TYR A 48 -16.50 26.97 28.30
CA TYR A 48 -16.63 28.15 27.47
C TYR A 48 -17.91 28.88 27.82
N GLN A 49 -17.85 30.20 27.68
CA GLN A 49 -18.99 31.00 28.06
C GLN A 49 -20.19 30.82 27.18
N GLN A 50 -19.96 30.66 25.86
CA GLN A 50 -21.03 30.54 24.93
C GLN A 50 -20.77 29.28 24.04
N ALA A 51 -21.83 28.53 23.79
CA ALA A 51 -21.77 27.24 23.05
C ALA A 51 -22.46 27.41 21.71
N MET A 52 -21.94 26.75 20.66
CA MET A 52 -22.65 26.70 19.39
C MET A 52 -23.70 25.60 19.42
N THR A 53 -24.71 25.80 20.25
CA THR A 53 -25.72 24.80 20.52
C THR A 53 -26.46 24.34 19.31
N LYS A 54 -26.78 25.26 18.45
CA LYS A 54 -27.57 24.98 17.22
C LYS A 54 -27.06 25.73 16.02
N TRP A 55 -27.18 25.16 14.81
CA TRP A 55 -26.89 25.89 13.57
C TRP A 55 -27.67 25.27 12.47
N GLN A 56 -27.63 25.87 11.30
CA GLN A 56 -28.32 25.37 10.15
C GLN A 56 -27.24 24.95 9.14
N THR A 57 -27.43 23.80 8.48
CA THR A 57 -26.46 23.46 7.45
C THR A 57 -26.66 24.35 6.22
N LYS A 58 -25.60 25.04 5.80
CA LYS A 58 -25.61 25.88 4.60
C LYS A 58 -25.16 25.18 3.35
N TYR A 59 -24.13 24.32 3.51
CA TYR A 59 -23.48 23.56 2.36
C TYR A 59 -23.61 22.07 2.67
N HIS A 60 -24.07 21.33 1.68
CA HIS A 60 -24.24 19.90 1.75
C HIS A 60 -22.87 19.26 2.10
N THR A 61 -22.90 18.48 3.16
CA THR A 61 -21.64 18.01 3.82
C THR A 61 -21.69 16.49 4.09
N LEU A 62 -20.56 15.84 3.77
CA LEU A 62 -20.36 14.43 4.13
CA LEU A 62 -20.34 14.44 4.12
C LEU A 62 -19.30 14.41 5.21
N SER A 63 -19.64 13.81 6.34
CA SER A 63 -18.73 13.76 7.51
C SER A 63 -18.36 12.35 7.86
N ILE A 64 -17.06 12.09 7.91
CA ILE A 64 -16.51 10.80 8.32
C ILE A 64 -16.23 10.85 9.80
N GLU A 65 -16.85 9.94 10.52
CA GLU A 65 -16.88 9.87 11.97
C GLU A 65 -16.09 8.65 12.47
N GLU A 66 -15.39 8.76 13.60
CA GLU A 66 -14.61 7.64 14.17
C GLU A 66 -15.34 7.14 15.39
N HIS A 67 -15.90 5.97 15.26
CA HIS A 67 -16.76 5.37 16.31
C HIS A 67 -16.09 4.37 17.21
N GLY A 68 -14.91 3.89 16.83
CA GLY A 68 -14.25 2.79 17.59
C GLY A 68 -13.63 3.28 18.86
N ALA A 69 -13.05 4.49 18.85
CA ALA A 69 -12.28 5.00 19.98
C ALA A 69 -12.67 6.46 20.31
N PHE A 70 -13.13 7.23 19.34
CA PHE A 70 -13.43 8.65 19.57
C PHE A 70 -14.91 8.99 19.68
N GLY A 71 -15.74 8.03 19.97
CA GLY A 71 -17.12 8.29 20.26
C GLY A 71 -18.01 8.87 19.21
N GLY A 72 -17.60 8.75 17.95
CA GLY A 72 -18.34 9.33 16.82
C GLY A 72 -17.91 10.71 16.38
N LEU A 73 -16.74 11.13 16.88
CA LEU A 73 -16.17 12.43 16.50
C LEU A 73 -15.98 12.51 14.99
N SER A 74 -16.33 13.63 14.42
CA SER A 74 -16.14 13.94 12.97
C SER A 74 -14.67 14.28 12.74
N GLY A 75 -13.96 13.46 11.95
CA GLY A 75 -12.54 13.70 11.70
C GLY A 75 -12.16 14.12 10.30
N GLN A 76 -13.05 13.95 9.36
CA GLN A 76 -12.73 14.27 7.95
C GLN A 76 -14.01 14.62 7.26
N THR A 77 -14.13 15.81 6.70
CA THR A 77 -15.36 16.26 6.05
C THR A 77 -15.11 16.91 4.73
N SER A 78 -16.11 16.85 3.90
CA SER A 78 -16.10 17.60 2.66
C SER A 78 -17.52 18.15 2.38
N ASN A 79 -17.55 19.22 1.60
CA ASN A 79 -18.79 19.80 1.19
C ASN A 79 -18.89 20.03 -0.33
N GLU A 80 -20.10 20.36 -0.75
CA GLU A 80 -20.44 20.61 -2.13
C GLU A 80 -19.64 21.72 -2.78
N LYS A 81 -18.95 22.58 -2.02
CA LYS A 81 -18.08 23.58 -2.60
C LYS A 81 -16.66 23.17 -2.70
N GLY A 82 -16.34 21.89 -2.38
CA GLY A 82 -15.00 21.43 -2.38
C GLY A 82 -14.14 21.81 -1.21
N LEU A 83 -14.76 22.25 -0.12
CA LEU A 83 -13.99 22.47 1.05
C LEU A 83 -13.81 21.10 1.78
N SER A 84 -12.64 20.91 2.34
CA SER A 84 -12.28 19.72 3.17
C SER A 84 -11.75 20.21 4.50
N VAL A 85 -12.22 19.59 5.59
CA VAL A 85 -11.71 19.88 6.90
C VAL A 85 -11.39 18.62 7.61
N MET A 86 -10.37 18.65 8.44
CA MET A 86 -9.92 17.42 9.08
C MET A 86 -9.28 17.66 10.43
N ALA A 87 -9.46 16.70 11.28
CA ALA A 87 -8.75 16.67 12.58
C ALA A 87 -7.86 15.41 12.66
N LEU A 88 -6.61 15.59 13.05
CA LEU A 88 -5.64 14.55 13.18
C LEU A 88 -5.13 14.64 14.63
N SER A 89 -4.62 13.55 15.15
CA SER A 89 -4.04 13.56 16.51
CA SER A 89 -4.07 13.58 16.51
C SER A 89 -2.78 14.45 16.49
N GLN A 90 -2.57 15.15 17.61
CA GLN A 90 -1.44 16.02 17.84
C GLN A 90 -1.08 15.94 19.34
N HIS A 91 -0.46 14.82 19.68
CA HIS A 91 -0.20 14.54 21.09
C HIS A 91 0.61 15.62 21.79
N ASP A 92 1.44 16.33 21.05
CA ASP A 92 2.24 17.41 21.70
C ASP A 92 1.42 18.57 22.17
N SER A 93 0.16 18.68 21.79
CA SER A 93 -0.69 19.74 22.29
C SER A 93 -1.35 19.39 23.58
N GLU A 94 -1.28 18.14 24.07
CA GLU A 94 -2.04 17.73 25.21
C GLU A 94 -1.82 18.61 26.48
N PRO A 95 -0.57 18.95 26.77
CA PRO A 95 -0.43 19.78 28.04
C PRO A 95 -0.95 21.16 27.92
N TYR A 96 -1.25 21.64 26.72
CA TYR A 96 -1.69 22.98 26.50
C TYR A 96 -3.17 23.17 26.35
N LEU A 97 -3.91 22.05 26.18
CA LEU A 97 -5.32 22.14 25.97
C LEU A 97 -6.07 22.92 27.04
N SER A 98 -5.77 22.65 28.31
CA SER A 98 -6.47 23.34 29.38
C SER A 98 -6.05 24.80 29.44
N GLN A 99 -5.01 25.19 28.73
CA GLN A 99 -4.61 26.60 28.70
C GLN A 99 -5.24 27.43 27.61
N HIS A 100 -6.04 26.82 26.73
CA HIS A 100 -6.69 27.60 25.73
C HIS A 100 -7.61 28.61 26.40
N LYS A 101 -7.52 29.89 25.96
CA LYS A 101 -8.32 30.92 26.48
C LYS A 101 -9.53 31.12 25.65
N ASP A 102 -10.68 31.08 26.31
CA ASP A 102 -11.99 31.39 25.74
C ASP A 102 -12.04 32.79 25.17
N ASN A 103 -12.20 32.97 23.86
CA ASN A 103 -12.27 34.31 23.27
C ASN A 103 -13.72 34.87 23.21
N GLY A 104 -14.70 34.18 23.78
CA GLY A 104 -16.05 34.64 23.79
C GLY A 104 -16.93 34.26 22.62
N ALA A 105 -16.29 33.65 21.63
CA ALA A 105 -17.04 33.15 20.50
C ALA A 105 -17.81 31.91 20.92
N PRO A 106 -18.91 31.63 20.23
CA PRO A 106 -19.59 30.31 20.46
C PRO A 106 -18.65 29.16 20.18
N ALA A 107 -18.50 28.33 21.20
CA ALA A 107 -17.49 27.23 21.17
C ALA A 107 -18.14 25.97 20.60
N VAL A 108 -17.41 25.31 19.67
CA VAL A 108 -17.91 24.09 19.05
C VAL A 108 -17.16 22.91 19.60
N ASN A 109 -17.93 21.95 20.15
CA ASN A 109 -17.40 20.70 20.72
C ASN A 109 -16.58 20.01 19.59
N THR A 110 -15.47 19.42 19.98
CA THR A 110 -14.49 18.88 19.01
C THR A 110 -15.09 17.66 18.30
N ALA A 111 -16.12 17.02 18.85
CA ALA A 111 -16.83 15.97 18.07
C ALA A 111 -17.50 16.45 16.80
N ASP A 112 -17.85 17.73 16.71
CA ASP A 112 -18.58 18.30 15.62
C ASP A 112 -17.87 19.40 14.84
N VAL A 113 -16.83 20.00 15.42
CA VAL A 113 -16.31 21.22 14.76
C VAL A 113 -15.83 21.03 13.31
N VAL A 114 -15.31 19.83 13.01
CA VAL A 114 -14.84 19.57 11.66
C VAL A 114 -16.01 19.64 10.70
N SER A 115 -17.10 19.03 11.05
CA SER A 115 -18.30 19.07 10.21
C SER A 115 -18.94 20.42 10.14
N PHE A 116 -19.02 21.06 11.30
CA PHE A 116 -19.54 22.43 11.37
C PHE A 116 -18.89 23.35 10.32
N ILE A 117 -17.58 23.26 10.25
CA ILE A 117 -16.84 24.14 9.33
C ILE A 117 -17.29 23.93 7.89
N THR A 118 -17.26 22.69 7.45
CA THR A 118 -17.78 22.42 6.11
C THR A 118 -19.25 22.79 5.92
N GLU A 119 -20.05 22.68 6.98
CA GLU A 119 -21.46 22.99 6.84
C GLU A 119 -21.74 24.48 6.67
N ARG A 120 -20.80 25.29 7.11
CA ARG A 120 -20.99 26.75 7.13
C ARG A 120 -20.21 27.53 6.14
N TYR A 121 -19.11 27.01 5.65
CA TYR A 121 -18.09 27.81 4.89
C TYR A 121 -17.72 27.11 3.60
N ALA A 122 -17.20 27.90 2.67
CA ALA A 122 -16.93 27.44 1.29
C ALA A 122 -15.49 27.46 0.90
N THR A 123 -14.68 28.25 1.59
CA THR A 123 -13.30 28.44 1.20
C THR A 123 -12.47 28.52 2.44
N THR A 124 -11.18 28.28 2.32
CA THR A 124 -10.25 28.41 3.44
C THR A 124 -10.26 29.82 4.02
N ALA A 125 -10.20 30.79 3.11
CA ALA A 125 -10.23 32.18 3.58
C ALA A 125 -11.45 32.53 4.37
N GLU A 126 -12.60 31.98 4.00
CA GLU A 126 -13.81 32.17 4.73
C GLU A 126 -13.75 31.66 6.14
N VAL A 127 -13.15 30.48 6.29
CA VAL A 127 -13.01 29.92 7.59
C VAL A 127 -12.06 30.78 8.44
N LYS A 128 -10.95 31.18 7.87
CA LYS A 128 -9.99 32.06 8.57
C LYS A 128 -10.68 33.33 9.01
N ALA A 129 -11.48 33.90 8.13
CA ALA A 129 -12.24 35.17 8.47
C ALA A 129 -13.19 34.91 9.58
N ALA A 130 -13.88 33.76 9.58
CA ALA A 130 -14.83 33.47 10.61
C ALA A 130 -14.21 33.30 11.94
N LEU A 131 -13.06 32.64 12.00
CA LEU A 131 -12.29 32.53 13.23
C LEU A 131 -11.89 33.89 13.71
N ASP A 132 -11.39 34.69 12.80
CA ASP A 132 -10.81 36.01 13.22
C ASP A 132 -11.93 36.88 13.69
N ASN A 133 -13.13 36.78 13.14
CA ASN A 133 -14.29 37.63 13.50
C ASN A 133 -15.03 37.09 14.67
N GLY A 134 -14.64 35.97 15.21
CA GLY A 134 -15.34 35.44 16.36
C GLY A 134 -16.68 34.80 16.09
N GLU A 135 -16.84 34.23 14.88
CA GLU A 135 -18.13 33.61 14.60
C GLU A 135 -18.25 32.27 15.31
N PHE A 136 -17.09 31.68 15.54
CA PHE A 136 -16.97 30.41 16.31
C PHE A 136 -15.54 30.25 16.85
N GLN A 137 -15.35 29.30 17.77
CA GLN A 137 -14.04 28.82 18.16
C GLN A 137 -14.15 27.30 18.44
N ILE A 138 -12.99 26.67 18.33
CA ILE A 138 -12.81 25.28 18.68
C ILE A 138 -12.84 25.19 20.19
N ALA A 139 -13.54 24.22 20.72
CA ALA A 139 -13.60 24.05 22.23
C ALA A 139 -12.44 23.19 22.66
N TRP A 140 -11.22 23.71 22.53
CA TRP A 140 -10.02 23.01 22.81
C TRP A 140 -10.03 22.33 24.17
N ALA A 141 -10.45 23.10 25.19
CA ALA A 141 -10.36 22.62 26.54
C ALA A 141 -11.47 21.68 26.95
N SER A 142 -12.45 21.42 26.05
CA SER A 142 -13.56 20.57 26.44
C SER A 142 -13.45 19.19 25.91
N ALA A 143 -13.79 18.18 26.69
CA ALA A 143 -13.88 16.82 26.17
C ALA A 143 -14.78 16.70 24.95
N PRO A 144 -14.35 15.88 23.93
CA PRO A 144 -15.33 15.57 22.89
C PRO A 144 -16.55 14.89 23.48
N ASN A 145 -17.68 15.09 22.86
CA ASN A 145 -18.91 14.40 23.20
C ASN A 145 -18.70 12.94 23.60
N GLY A 146 -19.21 12.60 24.80
CA GLY A 146 -19.11 11.27 25.33
C GLY A 146 -17.79 10.82 25.89
N MET A 147 -16.73 11.65 25.89
CA MET A 147 -15.41 11.27 26.31
CA MET A 147 -15.41 11.26 26.32
C MET A 147 -15.04 12.01 27.61
N GLU A 148 -14.06 11.49 28.30
CA GLU A 148 -13.71 12.06 29.57
C GLU A 148 -12.78 13.29 29.52
N HIS A 149 -11.83 13.38 28.59
CA HIS A 149 -10.85 14.39 28.60
C HIS A 149 -10.78 15.09 27.26
N ALA A 150 -10.34 16.33 27.29
CA ALA A 150 -10.07 17.06 26.07
C ALA A 150 -9.07 16.30 25.23
N ALA A 151 -9.34 16.22 23.91
CA ALA A 151 -8.46 15.45 23.03
C ALA A 151 -7.37 16.26 22.36
N PRO A 152 -6.15 15.71 22.23
CA PRO A 152 -5.10 16.47 21.63
C PRO A 152 -5.13 16.27 20.13
N LEU A 153 -5.69 17.23 19.47
CA LEU A 153 -5.88 17.21 18.03
C LEU A 153 -5.29 18.46 17.43
N HIS A 154 -5.06 18.41 16.09
CA HIS A 154 -4.86 19.64 15.29
C HIS A 154 -5.73 19.58 14.08
N TYR A 155 -5.98 20.75 13.49
CA TYR A 155 -7.04 20.90 12.47
C TYR A 155 -6.48 21.51 11.23
N SER A 156 -7.05 21.12 10.10
CA SER A 156 -6.75 21.83 8.93
C SER A 156 -7.90 21.92 7.94
N VAL A 157 -7.80 22.90 7.06
CA VAL A 157 -8.81 23.20 6.09
C VAL A 157 -8.09 23.27 4.75
N VAL A 158 -8.62 22.60 3.73
CA VAL A 158 -8.03 22.62 2.39
C VAL A 158 -9.18 22.91 1.46
N ASP A 159 -9.09 23.93 0.64
CA ASP A 159 -10.17 24.25 -0.30
C ASP A 159 -9.88 23.80 -1.73
N ALA A 160 -10.91 23.93 -2.58
CA ALA A 160 -10.77 23.36 -3.88
C ALA A 160 -9.74 24.09 -4.75
N ASP A 161 -9.29 25.27 -4.36
CA ASP A 161 -8.19 25.95 -5.05
C ASP A 161 -6.86 25.68 -4.38
N GLY A 162 -6.78 24.74 -3.47
CA GLY A 162 -5.50 24.37 -2.84
C GLY A 162 -5.02 25.29 -1.76
N ASN A 163 -5.92 26.11 -1.21
CA ASN A 163 -5.49 26.95 -0.09
C ASN A 163 -5.61 26.13 1.18
N ILE A 164 -4.57 26.18 2.04
CA ILE A 164 -4.49 25.32 3.20
C ILE A 164 -4.38 26.20 4.43
N MET A 165 -5.07 25.80 5.47
CA MET A 165 -4.91 26.42 6.79
C MET A 165 -4.67 25.34 7.83
N LEU A 166 -3.61 25.47 8.59
CA LEU A 166 -3.32 24.55 9.71
C LEU A 166 -3.59 25.33 11.05
N ILE A 167 -4.31 24.74 11.97
CA ILE A 167 -4.67 25.30 13.25
C ILE A 167 -4.15 24.43 14.35
N GLN A 168 -3.23 24.97 15.17
CA GLN A 168 -2.54 24.12 16.10
C GLN A 168 -2.45 24.82 17.43
N LEU A 169 -2.70 24.10 18.50
CA LEU A 169 -2.55 24.67 19.87
C LEU A 169 -1.14 24.42 20.38
N VAL A 170 -0.46 25.53 20.71
CA VAL A 170 0.93 25.55 21.00
C VAL A 170 1.17 25.97 22.44
N LYS A 171 2.46 26.03 22.76
CA LYS A 171 2.91 26.25 24.18
C LYS A 171 2.17 27.42 24.78
N GLY A 172 1.76 27.22 26.00
CA GLY A 172 1.00 28.26 26.64
C GLY A 172 -0.45 28.33 26.30
N GLY A 173 -0.94 27.41 25.46
CA GLY A 173 -2.34 27.45 25.08
C GLY A 173 -2.70 28.35 23.92
N GLU A 174 -1.73 28.92 23.24
CA GLU A 174 -1.99 29.87 22.12
C GLU A 174 -2.41 29.08 20.89
N GLN A 175 -3.28 29.69 20.14
CA GLN A 175 -3.76 29.06 18.84
C GLN A 175 -2.92 29.65 17.73
N LYS A 176 -2.13 28.84 17.00
CA LYS A 176 -1.30 29.24 15.90
C LYS A 176 -1.95 28.81 14.63
N ILE A 177 -2.10 29.73 13.71
CA ILE A 177 -2.66 29.43 12.38
C ILE A 177 -1.54 29.61 11.37
N TYR A 178 -1.34 28.61 10.49
CA TYR A 178 -0.41 28.66 9.41
C TYR A 178 -1.17 28.63 8.11
N LEU A 179 -0.78 29.41 7.12
CA LEU A 179 -1.42 29.44 5.81
C LEU A 179 -0.42 29.09 4.76
N GLY A 180 -0.85 28.38 3.71
CA GLY A 180 -0.03 28.15 2.56
C GLY A 180 -0.81 27.49 1.50
N ASP A 181 -0.19 27.34 0.35
CA ASP A 181 -0.89 26.63 -0.73
C ASP A 181 -0.45 25.19 -0.84
N ALA A 182 -1.01 24.50 -1.83
CA ALA A 182 -0.77 23.05 -1.92
C ALA A 182 0.62 22.67 -2.43
N GLU A 183 1.46 23.65 -2.82
CA GLU A 183 2.84 23.41 -3.05
C GLU A 183 3.73 23.64 -1.87
N SER A 184 3.22 24.20 -0.80
CA SER A 184 3.99 24.46 0.38
C SER A 184 4.14 23.22 1.28
N ASP A 185 4.98 23.30 2.33
CA ASP A 185 5.12 22.13 3.21
C ASP A 185 3.80 21.81 3.95
N LEU A 186 2.81 22.73 3.96
CA LEU A 186 1.59 22.48 4.68
C LEU A 186 0.74 21.47 3.90
N ARG A 187 1.16 21.17 2.69
CA ARG A 187 0.50 20.03 1.97
C ARG A 187 0.60 18.74 2.69
N VAL A 188 1.55 18.61 3.58
CA VAL A 188 1.70 17.40 4.39
C VAL A 188 1.37 17.75 5.81
N LYS A 189 0.56 16.92 6.49
CA LYS A 189 0.22 17.06 7.94
C LYS A 189 0.19 15.67 8.52
N THR A 190 0.81 15.47 9.66
CA THR A 190 0.80 14.16 10.33
C THR A 190 0.35 14.38 11.77
N ASN A 191 1.17 13.91 12.72
CA ASN A 191 0.88 13.95 14.15
C ASN A 191 2.08 14.72 14.83
N ASP A 192 2.31 14.42 16.11
CA ASP A 192 3.43 15.05 16.85
C ASP A 192 4.72 14.85 16.14
N PRO A 193 5.66 15.79 16.23
CA PRO A 193 5.58 17.01 17.06
C PRO A 193 4.84 18.13 16.40
N LEU A 194 4.95 19.34 16.96
CA LEU A 194 4.27 20.51 16.42
C LEU A 194 4.96 21.01 15.19
N GLN A 195 4.29 21.88 14.44
CA GLN A 195 4.80 22.13 13.08
C GLN A 195 6.17 22.79 13.05
N GLU A 196 6.44 23.60 14.09
CA GLU A 196 7.77 24.20 14.14
C GLU A 196 8.86 23.21 14.21
N LYS A 197 8.63 22.12 14.97
CA LYS A 197 9.62 21.07 15.12
C LYS A 197 9.80 20.24 13.88
N HIS A 198 8.68 19.95 13.19
CA HIS A 198 8.85 19.31 11.89
C HIS A 198 9.71 20.13 10.94
N ARG A 199 9.45 21.47 10.91
CA ARG A 199 10.20 22.36 10.02
C ARG A 199 11.67 22.34 10.40
N GLU A 200 11.94 22.38 11.71
CA GLU A 200 13.35 22.26 12.18
C GLU A 200 14.01 20.97 11.71
N TYR A 201 13.31 19.81 11.86
CA TYR A 201 13.83 18.54 11.43
C TYR A 201 14.10 18.51 9.93
N MET A 202 13.23 19.16 9.15
CA MET A 202 13.34 19.09 7.73
C MET A 202 14.48 19.90 7.15
N GLN A 203 15.06 20.81 7.96
CA GLN A 203 16.16 21.59 7.41
C GLN A 203 17.36 20.76 7.03
N GLN A 204 17.56 19.62 7.67
CA GLN A 204 18.67 18.76 7.31
C GLN A 204 18.57 18.05 5.94
N PHE A 205 17.40 18.07 5.30
CA PHE A 205 17.20 17.27 4.11
C PHE A 205 17.04 18.18 2.92
N ASP A 206 17.78 17.87 1.86
CA ASP A 206 17.62 18.50 0.60
C ASP A 206 16.51 17.77 -0.22
N LEU A 207 15.30 18.30 -0.22
CA LEU A 207 14.22 17.68 -0.99
C LEU A 207 14.41 17.65 -2.48
N LYS A 208 15.30 18.49 -3.04
CA LYS A 208 15.61 18.44 -4.48
C LYS A 208 16.32 17.16 -4.92
N ASP A 209 16.99 16.51 -3.97
CA ASP A 209 17.70 15.28 -4.26
C ASP A 209 16.68 14.12 -4.42
N PRO A 210 16.64 13.52 -5.63
CA PRO A 210 15.66 12.40 -5.82
C PRO A 210 15.97 11.15 -4.98
N SER A 211 17.14 11.06 -4.37
CA SER A 211 17.43 9.98 -3.47
C SER A 211 17.22 10.36 -2.00
N VAL A 212 16.70 11.55 -1.71
CA VAL A 212 16.58 12.02 -0.34
C VAL A 212 15.79 11.12 0.63
N ALA A 213 14.77 10.44 0.11
CA ALA A 213 14.00 9.58 1.00
C ALA A 213 14.86 8.48 1.52
N THR A 214 15.85 8.07 0.75
CA THR A 214 16.75 6.99 1.22
C THR A 214 17.69 7.43 2.34
N LYS A 215 17.81 8.74 2.56
CA LYS A 215 18.60 9.35 3.64
C LYS A 215 17.80 9.69 4.86
N MET A 216 16.51 9.38 4.85
CA MET A 216 15.69 9.73 5.97
C MET A 216 15.41 8.53 6.85
N PRO A 217 15.49 8.69 8.15
CA PRO A 217 15.13 7.65 9.09
C PRO A 217 13.68 7.22 8.91
N TRP A 218 13.41 5.94 9.03
CA TRP A 218 12.06 5.45 9.03
C TRP A 218 11.55 5.15 10.45
N SER A 219 10.31 5.49 10.72
CA SER A 219 9.57 5.01 11.79
C SER A 219 8.07 5.11 11.52
N ILE A 220 7.26 4.74 12.48
CA ILE A 220 5.82 4.91 12.36
C ILE A 220 5.37 6.28 12.93
N GLY A 221 6.31 7.06 13.49
CA GLY A 221 6.01 8.30 14.10
C GLY A 221 5.61 9.41 13.13
N GLY A 222 4.91 10.39 13.65
CA GLY A 222 4.53 11.54 12.84
C GLY A 222 5.69 12.24 12.23
N LEU A 223 6.83 12.29 12.93
CA LEU A 223 7.97 12.98 12.43
C LEU A 223 8.49 12.41 11.12
N GLU A 224 8.64 11.08 11.13
CA GLU A 224 9.20 10.43 9.97
C GLU A 224 8.16 10.36 8.81
N ARG A 225 6.89 10.16 9.12
CA ARG A 225 5.86 10.24 8.07
C ARG A 225 5.77 11.60 7.40
N ASN A 226 5.95 12.66 8.18
CA ASN A 226 5.97 14.00 7.56
C ASN A 226 7.11 14.15 6.60
N SER A 227 8.31 13.73 7.02
CA SER A 227 9.47 13.89 6.22
C SER A 227 9.38 13.10 4.92
N ARG A 228 8.94 11.83 5.05
CA ARG A 228 8.88 10.96 3.89
C ARG A 228 7.78 11.42 2.91
N LEU A 229 6.64 11.90 3.41
CA LEU A 229 5.60 12.43 2.52
C LEU A 229 6.10 13.60 1.76
N LEU A 230 6.81 14.53 2.44
CA LEU A 230 7.40 15.68 1.74
C LEU A 230 8.42 15.23 0.67
N ALA A 231 9.27 14.26 1.02
CA ALA A 231 10.21 13.78 0.03
C ALA A 231 9.54 13.13 -1.16
N MET A 232 8.65 12.15 -0.90
CA MET A 232 8.14 11.38 -2.00
C MET A 232 7.17 12.21 -2.86
N SER A 233 6.44 13.15 -2.25
CA SER A 233 5.58 14.02 -3.07
C SER A 233 6.35 14.97 -3.91
N THR A 234 7.55 15.38 -3.48
CA THR A 234 8.35 16.31 -4.30
C THR A 234 8.74 15.71 -5.67
N HIS A 235 9.00 14.39 -5.73
CA HIS A 235 9.48 13.73 -6.95
C HIS A 235 8.37 12.95 -7.62
N MET A 236 7.13 13.13 -7.18
CA MET A 236 6.03 12.50 -7.91
C MET A 236 5.85 13.27 -9.24
N ASP A 237 5.79 12.52 -10.32
CA ASP A 237 5.65 13.08 -11.63
C ASP A 237 4.39 12.58 -12.30
N LEU A 238 3.45 13.49 -12.47
CA LEU A 238 2.08 13.17 -12.92
C LEU A 238 1.88 13.47 -14.39
N GLU A 239 2.90 13.96 -15.04
CA GLU A 239 2.79 14.27 -16.49
C GLU A 239 2.44 13.07 -17.30
N GLY A 240 1.47 13.20 -18.21
CA GLY A 240 1.16 12.14 -19.14
C GLY A 240 0.29 11.03 -18.63
N LEU A 241 -0.13 11.17 -17.38
CA LEU A 241 -0.98 10.17 -16.77
C LEU A 241 -2.47 10.41 -17.00
N SER A 242 -3.23 9.33 -17.13
CA SER A 242 -4.68 9.45 -17.16
C SER A 242 -5.19 9.82 -15.78
N TYR A 243 -6.47 10.06 -15.65
CA TYR A 243 -7.02 10.39 -14.28
C TYR A 243 -6.88 9.19 -13.33
N THR A 244 -7.30 8.00 -13.78
CA THR A 244 -7.14 6.80 -12.95
C THR A 244 -5.71 6.68 -12.54
N GLU A 245 -4.78 6.81 -13.49
CA GLU A 245 -3.36 6.65 -13.15
C GLU A 245 -2.83 7.70 -12.17
N THR A 246 -3.38 8.90 -12.25
CA THR A 246 -3.00 10.01 -11.37
C THR A 246 -3.48 9.69 -9.95
N VAL A 247 -4.71 9.26 -9.82
CA VAL A 247 -5.26 8.89 -8.52
C VAL A 247 -4.42 7.76 -7.91
N ALA A 248 -4.12 6.77 -8.71
CA ALA A 248 -3.29 5.67 -8.25
C ALA A 248 -1.90 6.07 -7.87
N ARG A 249 -1.33 7.01 -8.62
CA ARG A 249 0.02 7.44 -8.32
C ARG A 249 0.05 8.15 -7.00
N GLN A 250 -0.94 9.00 -6.75
CA GLN A 250 -0.97 9.62 -5.40
C GLN A 250 -1.14 8.58 -4.32
N LYS A 251 -2.02 7.60 -4.54
CA LYS A 251 -2.27 6.56 -3.55
C LYS A 251 -1.01 5.77 -3.22
N GLY A 252 -0.35 5.31 -4.25
CA GLY A 252 0.82 4.44 -4.06
C GLY A 252 1.98 5.16 -3.42
N THR A 253 2.19 6.41 -3.83
CA THR A 253 3.23 7.29 -3.28
C THR A 253 2.96 7.56 -1.83
N PHE A 254 1.68 7.93 -1.53
CA PHE A 254 1.25 8.21 -0.15
C PHE A 254 1.47 6.95 0.66
N ASP A 255 1.03 5.80 0.18
CA ASP A 255 1.13 4.55 0.99
C ASP A 255 2.58 4.19 1.34
N ALA A 256 3.49 4.32 0.39
CA ALA A 256 4.91 4.04 0.60
C ALA A 256 5.42 4.97 1.70
N ALA A 257 5.00 6.22 1.67
CA ALA A 257 5.49 7.19 2.69
C ALA A 257 4.87 7.06 4.04
N ALA A 258 3.62 6.63 4.11
CA ALA A 258 2.82 6.84 5.28
C ALA A 258 1.87 5.75 5.75
N LEU A 259 1.61 4.68 5.00
CA LEU A 259 0.73 3.64 5.51
C LEU A 259 1.42 2.98 6.66
N VAL A 260 0.81 2.89 7.83
CA VAL A 260 1.46 2.25 8.96
C VAL A 260 0.98 0.80 9.09
N PRO A 261 1.88 -0.14 9.07
CA PRO A 261 1.46 -1.55 9.17
C PRO A 261 1.20 -1.92 10.63
N PHE A 262 0.41 -2.98 10.80
CA PHE A 262 0.30 -3.61 12.09
C PHE A 262 1.58 -4.22 12.57
N GLY A 263 1.67 -4.23 13.89
CA GLY A 263 2.73 -4.97 14.59
C GLY A 263 4.03 -4.25 14.87
N VAL A 264 4.35 -3.19 14.15
CA VAL A 264 5.53 -2.39 14.44
C VAL A 264 5.26 -1.50 15.64
N GLN A 265 6.16 -1.56 16.61
CA GLN A 265 6.10 -0.72 17.82
CA GLN A 265 6.06 -0.70 17.77
C GLN A 265 6.99 0.47 17.68
N ASP A 266 6.49 1.60 18.10
CA ASP A 266 7.23 2.89 18.14
C ASP A 266 8.03 2.94 19.46
N PRO A 267 9.36 2.95 19.36
CA PRO A 267 10.06 3.04 20.69
C PRO A 267 9.76 4.26 21.50
N LYS A 268 9.29 5.35 20.90
CA LYS A 268 8.95 6.56 21.68
C LYS A 268 7.67 6.42 22.47
N THR A 269 6.79 5.48 22.11
CA THR A 269 5.51 5.30 22.78
C THR A 269 5.33 3.98 23.46
N GLY A 270 6.07 2.95 23.04
CA GLY A 270 5.85 1.57 23.48
C GLY A 270 4.56 0.97 22.98
N GLU A 271 4.01 1.56 21.93
CA GLU A 271 2.75 1.13 21.29
C GLU A 271 2.91 1.15 19.79
N ASP A 272 1.97 0.46 19.17
CA ASP A 272 1.92 0.43 17.69
C ASP A 272 1.02 1.61 17.25
N TYR A 273 0.77 1.72 15.95
CA TYR A 273 -0.06 2.77 15.46
C TYR A 273 -0.61 2.52 14.04
N PRO A 274 -1.21 1.36 13.82
CA PRO A 274 -1.56 0.96 12.45
C PRO A 274 -2.59 1.90 11.80
N SER A 275 -2.51 1.98 10.47
CA SER A 275 -3.55 2.59 9.71
C SER A 275 -4.75 1.64 9.59
N PHE A 276 -5.95 2.14 9.86
CA PHE A 276 -7.22 1.44 9.80
C PHE A 276 -8.01 1.71 8.60
N PHE A 277 -8.07 2.97 8.17
CA PHE A 277 -8.84 3.29 6.96
C PHE A 277 -8.24 4.52 6.34
N SER A 278 -8.59 4.80 5.09
CA SER A 278 -8.12 5.98 4.40
C SER A 278 -9.14 6.49 3.44
N MET A 279 -9.06 7.79 3.16
CA MET A 279 -9.92 8.44 2.19
CA MET A 279 -9.95 8.50 2.26
C MET A 279 -9.07 9.16 1.18
N GLN A 280 -9.53 9.22 -0.03
CA GLN A 280 -8.95 10.05 -1.10
C GLN A 280 -10.10 10.84 -1.71
N TYR A 281 -9.84 12.12 -1.96
CA TYR A 281 -10.81 13.06 -2.47
C TYR A 281 -10.23 13.77 -3.69
N ASN A 282 -11.06 14.04 -4.69
CA ASN A 282 -10.81 15.08 -5.67
C ASN A 282 -11.76 16.22 -5.29
N LEU A 283 -11.17 17.28 -4.72
CA LEU A 283 -11.97 18.42 -4.23
C LEU A 283 -12.57 19.18 -5.34
N ASP A 284 -12.11 19.02 -6.58
CA ASP A 284 -12.73 19.77 -7.65
C ASP A 284 -13.91 19.12 -8.24
N ASN A 285 -14.11 17.81 -8.07
CA ASN A 285 -15.22 17.12 -8.76
C ASN A 285 -16.06 16.22 -7.89
N GLY A 286 -15.81 16.17 -6.58
CA GLY A 286 -16.69 15.41 -5.72
C GLY A 286 -16.35 13.91 -5.58
N ASP A 287 -15.35 13.44 -6.29
CA ASP A 287 -14.93 12.04 -6.18
C ASP A 287 -14.34 11.73 -4.82
N ILE A 288 -14.76 10.58 -4.26
CA ILE A 288 -14.30 10.08 -2.97
C ILE A 288 -13.99 8.63 -3.05
N TRP A 289 -12.86 8.18 -2.45
CA TRP A 289 -12.55 6.76 -2.31
C TRP A 289 -12.39 6.46 -0.85
N PHE A 290 -13.12 5.51 -0.31
CA PHE A 290 -12.99 5.06 1.07
C PHE A 290 -12.36 3.70 1.04
N ARG A 291 -11.24 3.51 1.72
CA ARG A 291 -10.56 2.19 1.77
C ARG A 291 -10.40 1.75 3.20
N SER A 292 -10.74 0.50 3.45
CA SER A 292 -10.46 -0.11 4.75
C SER A 292 -9.19 -0.93 4.66
N LEU A 293 -8.24 -0.71 5.53
CA LEU A 293 -7.00 -1.53 5.62
C LEU A 293 -7.26 -2.80 6.37
N MET A 294 -8.39 -2.92 7.06
CA MET A 294 -8.73 -4.17 7.72
C MET A 294 -9.12 -5.23 6.72
N SER A 295 -9.85 -4.87 5.65
CA SER A 295 -10.16 -5.77 4.56
C SER A 295 -9.47 -5.62 3.29
N GLY A 296 -8.72 -4.53 3.15
CA GLY A 296 -8.10 -4.22 1.91
C GLY A 296 -9.00 -3.80 0.79
N LYS A 297 -10.20 -3.42 1.08
CA LYS A 297 -11.17 -3.13 0.09
C LYS A 297 -11.46 -1.64 0.06
N GLU A 298 -11.92 -1.19 -1.09
CA GLU A 298 -12.11 0.22 -1.35
C GLU A 298 -13.40 0.41 -2.20
N ILE A 299 -14.13 1.50 -1.94
CA ILE A 299 -15.23 1.88 -2.82
CA ILE A 299 -15.31 1.89 -2.74
C ILE A 299 -15.04 3.31 -3.26
N LYS A 300 -15.49 3.61 -4.48
CA LYS A 300 -15.47 4.92 -5.07
CA LYS A 300 -15.46 4.92 -5.07
C LYS A 300 -16.90 5.39 -5.18
N PHE A 301 -17.10 6.65 -4.78
CA PHE A 301 -18.40 7.27 -4.92
C PHE A 301 -18.21 8.76 -5.15
N ASN A 302 -19.33 9.54 -5.16
CA ASN A 302 -19.21 10.97 -5.40
C ASN A 302 -20.18 11.68 -4.46
N LEU A 303 -19.78 12.82 -3.91
CA LEU A 303 -20.65 13.60 -3.05
C LEU A 303 -21.97 13.92 -3.72
N GLU A 304 -21.95 14.17 -5.01
CA GLU A 304 -23.19 14.54 -5.71
C GLU A 304 -24.25 13.45 -5.62
N ASP A 305 -23.82 12.20 -5.44
CA ASP A 305 -24.66 11.00 -5.38
C ASP A 305 -25.55 11.14 -4.10
N THR A 306 -25.22 12.04 -3.14
CA THR A 306 -25.92 12.16 -1.86
C THR A 306 -26.81 13.39 -1.80
N LYS A 307 -26.81 14.23 -2.83
CA LYS A 307 -27.71 15.40 -2.84
C LYS A 307 -29.17 15.05 -2.91
N GLN A 308 -29.48 13.83 -3.37
CA GLN A 308 -30.85 13.40 -3.33
C GLN A 308 -31.48 13.39 -1.96
N PHE A 309 -30.68 13.29 -0.93
CA PHE A 309 -31.24 13.10 0.40
C PHE A 309 -31.68 14.42 1.05
N LYS A 310 -32.92 14.45 1.52
CA LYS A 310 -33.48 15.65 2.09
C LYS A 310 -33.40 15.73 3.59
N THR A 311 -33.03 14.67 4.25
CA THR A 311 -32.81 14.66 5.67
C THR A 311 -31.52 13.93 5.95
N PRO A 312 -30.96 14.03 7.16
CA PRO A 312 -29.66 13.46 7.35
C PRO A 312 -29.69 11.97 7.27
N MET A 313 -28.57 11.42 6.77
CA MET A 313 -28.42 9.96 6.56
C MET A 313 -27.12 9.52 7.18
N HIS A 314 -26.98 8.21 7.37
CA HIS A 314 -25.83 7.65 8.05
C HIS A 314 -25.49 6.30 7.43
N ALA A 315 -24.22 5.94 7.42
CA ALA A 315 -23.78 4.59 7.03
C ALA A 315 -22.57 4.19 7.85
N ASP A 316 -22.56 2.92 8.23
CA ASP A 316 -21.39 2.31 8.84
C ASP A 316 -20.45 1.92 7.71
N ILE A 317 -19.84 2.91 7.09
CA ILE A 317 -19.20 2.68 5.80
C ILE A 317 -18.04 1.66 5.89
N MET A 318 -17.24 1.73 6.92
CA MET A 318 -16.14 0.80 7.05
C MET A 318 -16.63 -0.65 7.16
N ALA A 319 -17.60 -0.86 8.02
CA ALA A 319 -18.21 -2.18 8.16
C ALA A 319 -18.71 -2.70 6.85
N GLN A 320 -19.43 -1.88 6.14
CA GLN A 320 -19.97 -2.27 4.81
C GLN A 320 -18.87 -2.62 3.84
N VAL A 321 -17.82 -1.79 3.78
CA VAL A 321 -16.77 -2.05 2.85
C VAL A 321 -16.10 -3.37 3.25
N ASP A 322 -15.94 -3.60 4.52
CA ASP A 322 -15.31 -4.82 5.03
C ASP A 322 -16.07 -6.10 4.70
N LYS A 323 -17.37 -5.96 4.45
CA LYS A 323 -18.25 -7.10 4.08
C LYS A 323 -18.33 -7.21 2.61
N GLY A 324 -17.60 -6.39 1.85
CA GLY A 324 -17.53 -6.42 0.39
C GLY A 324 -18.56 -5.61 -0.39
N ALA A 325 -19.21 -4.69 0.31
CA ALA A 325 -20.16 -3.79 -0.33
C ALA A 325 -19.50 -2.98 -1.42
N GLN A 326 -20.19 -2.84 -2.54
CA GLN A 326 -19.69 -1.99 -3.62
C GLN A 326 -20.41 -0.68 -3.63
N THR A 327 -21.55 -0.60 -2.94
CA THR A 327 -22.28 0.71 -2.84
C THR A 327 -22.70 0.88 -1.43
N ILE A 328 -22.81 2.15 -1.00
CA ILE A 328 -23.18 2.47 0.36
C ILE A 328 -24.65 2.26 0.59
N THR A 329 -24.99 1.56 1.63
CA THR A 329 -26.39 1.44 2.05
C THR A 329 -26.65 2.44 3.12
N TRP A 330 -27.40 3.45 2.76
CA TRP A 330 -27.71 4.59 3.68
C TRP A 330 -28.89 4.26 4.58
N SER A 331 -28.82 4.76 5.80
CA SER A 331 -29.93 4.70 6.74
C SER A 331 -30.35 6.12 7.10
N LYS A 332 -31.61 6.33 7.40
CA LYS A 332 -32.06 7.62 8.03
C LYS A 332 -31.30 7.74 9.34
N MET A 333 -30.83 8.95 9.70
CA MET A 333 -29.93 9.08 10.86
CA MET A 333 -29.92 9.04 10.87
C MET A 333 -30.41 8.37 12.17
N SER B 1 12.00 -6.36 -7.09
CA SER B 1 10.95 -7.40 -6.77
C SER B 1 11.17 -7.96 -5.38
N SER B 2 10.07 -8.27 -4.76
CA SER B 2 10.06 -8.84 -3.39
C SER B 2 9.05 -9.94 -3.28
N ARG B 3 9.34 -10.92 -2.45
CA ARG B 3 8.41 -12.06 -2.26
C ARG B 3 8.39 -12.46 -0.81
N LEU B 4 7.18 -12.64 -0.32
CA LEU B 4 6.92 -13.03 1.05
C LEU B 4 6.00 -14.27 1.08
N VAL B 5 6.37 -15.28 1.90
CA VAL B 5 5.52 -16.40 2.20
C VAL B 5 5.07 -16.25 3.64
N THR B 6 3.76 -16.51 3.89
CA THR B 6 3.21 -16.39 5.20
C THR B 6 2.25 -17.61 5.45
N GLU B 7 2.59 -18.39 6.49
CA GLU B 7 1.67 -19.42 6.89
C GLU B 7 0.47 -18.86 7.58
N THR B 8 -0.71 -19.32 7.20
CA THR B 8 -1.95 -18.89 7.89
C THR B 8 -2.86 -20.09 8.09
N GLN B 9 -3.83 -19.88 9.01
CA GLN B 9 -4.87 -20.91 9.21
C GLN B 9 -5.72 -21.21 7.99
N TYR B 10 -5.75 -20.29 6.99
CA TYR B 10 -6.48 -20.51 5.79
C TYR B 10 -5.69 -21.02 4.60
N GLY B 11 -4.35 -21.18 4.78
CA GLY B 11 -3.48 -21.58 3.75
C GLY B 11 -2.17 -20.87 3.71
N THR B 12 -1.30 -21.37 2.85
CA THR B 12 0.01 -20.78 2.70
C THR B 12 -0.11 -19.60 1.67
N MET B 13 0.10 -18.37 2.17
CA MET B 13 -0.07 -17.16 1.36
C MET B 13 1.27 -16.68 0.81
N LEU B 14 1.26 -16.30 -0.44
CA LEU B 14 2.50 -15.82 -1.09
C LEU B 14 2.20 -14.53 -1.82
N MET B 15 3.00 -13.50 -1.58
CA MET B 15 2.83 -12.22 -2.27
CA MET B 15 2.84 -12.23 -2.28
C MET B 15 4.16 -11.83 -2.93
N ARG B 16 4.05 -11.29 -4.14
CA ARG B 16 5.25 -10.94 -4.88
C ARG B 16 5.01 -9.72 -5.73
N THR B 17 5.97 -8.79 -5.70
CA THR B 17 5.93 -7.69 -6.61
C THR B 17 6.93 -7.87 -7.75
N ALA B 18 6.59 -7.26 -8.91
CA ALA B 18 7.48 -7.11 -10.05
C ALA B 18 7.88 -5.65 -10.12
N ASP B 19 9.18 -5.35 -9.93
CA ASP B 19 9.71 -3.96 -9.89
C ASP B 19 10.72 -3.84 -11.00
N TRP B 20 10.82 -2.63 -11.60
CA TRP B 20 11.89 -2.40 -12.61
C TRP B 20 12.09 -0.91 -12.74
N VAL B 21 13.13 -0.56 -13.47
CA VAL B 21 13.34 0.86 -13.80
C VAL B 21 12.22 1.42 -14.64
N SER B 22 11.87 2.68 -14.34
CA SER B 22 10.71 3.33 -15.01
C SER B 22 10.92 3.60 -16.48
N THR B 23 12.15 3.53 -16.92
CA THR B 23 12.53 3.64 -18.38
C THR B 23 12.22 2.44 -19.22
N ALA B 24 11.89 1.33 -18.58
CA ALA B 24 11.50 0.09 -19.30
C ALA B 24 10.36 -0.57 -18.55
N PRO B 25 9.17 0.05 -18.59
CA PRO B 25 8.06 -0.41 -17.75
C PRO B 25 7.62 -1.82 -18.02
N PHE B 26 7.29 -2.54 -16.94
CA PHE B 26 6.81 -3.90 -17.06
C PHE B 26 5.42 -3.93 -17.58
N ASP B 27 5.07 -5.10 -18.18
CA ASP B 27 3.76 -5.40 -18.74
C ASP B 27 3.50 -6.90 -18.49
N GLY B 28 2.71 -7.21 -17.47
CA GLY B 28 2.46 -8.62 -17.15
C GLY B 28 1.38 -9.23 -17.96
N HIS B 29 1.64 -10.48 -18.42
CA HIS B 29 0.68 -11.29 -19.13
C HIS B 29 0.59 -12.61 -18.43
N MET B 30 -0.37 -13.44 -18.85
CA MET B 30 -0.50 -14.79 -18.23
CA MET B 30 -0.65 -14.75 -18.21
C MET B 30 -0.83 -15.78 -19.32
N SER B 31 -0.19 -16.96 -19.19
CA SER B 31 -0.45 -18.10 -20.07
C SER B 31 -0.96 -19.24 -19.16
N VAL B 32 -1.87 -20.07 -19.70
CA VAL B 32 -2.30 -21.29 -19.00
C VAL B 32 -1.92 -22.51 -19.87
N PHE B 33 -1.30 -23.51 -19.21
CA PHE B 33 -0.88 -24.78 -19.81
C PHE B 33 -1.66 -25.88 -19.15
N PRO B 34 -2.66 -26.41 -19.89
CA PRO B 34 -3.43 -27.54 -19.35
C PRO B 34 -2.70 -28.85 -19.33
N VAL B 35 -3.22 -29.72 -18.47
CA VAL B 35 -2.67 -31.12 -18.38
C VAL B 35 -2.60 -31.72 -19.79
N GLY B 36 -1.47 -32.37 -20.03
CA GLY B 36 -1.28 -33.09 -21.30
C GLY B 36 -0.80 -32.31 -22.46
N THR B 37 -0.61 -30.99 -22.34
CA THR B 37 -0.04 -30.18 -23.38
C THR B 37 1.37 -30.62 -23.81
N GLU B 38 1.53 -30.73 -25.11
CA GLU B 38 2.83 -30.94 -25.72
C GLU B 38 3.52 -29.61 -25.85
N ARG B 39 4.53 -29.40 -25.03
CA ARG B 39 5.25 -28.12 -24.97
C ARG B 39 6.55 -28.10 -25.71
N THR B 40 6.81 -26.97 -26.35
CA THR B 40 8.06 -26.73 -27.01
C THR B 40 8.75 -25.53 -26.35
N MET B 41 9.96 -25.75 -25.89
CA MET B 41 10.78 -24.73 -25.25
C MET B 41 10.99 -23.55 -26.18
N ARG B 42 10.81 -22.37 -25.59
CA ARG B 42 11.21 -21.11 -26.21
C ARG B 42 12.75 -20.85 -26.06
N GLY B 43 13.36 -20.39 -27.15
CA GLY B 43 14.76 -19.96 -27.16
C GLY B 43 15.70 -21.15 -27.32
N GLN B 44 16.99 -20.87 -27.25
CA GLN B 44 18.01 -21.88 -27.40
C GLN B 44 18.81 -21.97 -26.15
N VAL B 45 19.54 -23.07 -26.03
CA VAL B 45 20.42 -23.30 -24.92
C VAL B 45 21.73 -23.86 -25.46
N ALA B 46 22.24 -23.16 -26.48
CA ALA B 46 23.43 -23.69 -27.28
C ALA B 46 24.69 -23.91 -26.46
N GLU B 47 24.84 -23.18 -25.35
CA GLU B 47 25.87 -23.42 -24.39
C GLU B 47 25.83 -24.76 -23.69
N TYR B 48 24.73 -25.51 -23.77
CA TYR B 48 24.59 -26.74 -23.08
C TYR B 48 24.55 -27.86 -24.06
N GLN B 49 24.98 -29.05 -23.65
CA GLN B 49 25.03 -30.16 -24.62
C GLN B 49 23.67 -30.76 -24.93
N GLN B 50 22.72 -30.71 -23.97
CA GLN B 50 21.39 -31.27 -24.17
C GLN B 50 20.34 -30.19 -23.78
N ALA B 51 19.36 -30.00 -24.65
CA ALA B 51 18.22 -29.11 -24.49
C ALA B 51 16.94 -29.82 -24.08
N MET B 52 16.16 -29.14 -23.23
CA MET B 52 14.81 -29.64 -22.92
C MET B 52 13.90 -29.11 -24.01
N THR B 53 14.10 -29.60 -25.25
CA THR B 53 13.40 -29.12 -26.37
C THR B 53 11.89 -29.27 -26.24
N LYS B 54 11.46 -30.41 -25.73
CA LYS B 54 10.07 -30.72 -25.56
C LYS B 54 9.83 -31.33 -24.18
N TRP B 55 8.59 -31.18 -23.67
CA TRP B 55 8.09 -31.82 -22.47
C TRP B 55 6.58 -31.84 -22.58
N GLN B 56 6.00 -32.54 -21.64
CA GLN B 56 4.53 -32.62 -21.47
C GLN B 56 4.09 -31.99 -20.18
N THR B 57 2.99 -31.21 -20.20
CA THR B 57 2.49 -30.68 -18.95
C THR B 57 1.90 -31.81 -18.11
N LYS B 58 2.38 -32.00 -16.89
CA LYS B 58 1.79 -32.92 -15.96
C LYS B 58 0.71 -32.23 -15.11
N TYR B 59 1.04 -31.03 -14.62
CA TYR B 59 0.17 -30.28 -13.71
C TYR B 59 -0.29 -28.98 -14.35
N HIS B 60 -1.60 -28.78 -14.32
CA HIS B 60 -2.23 -27.53 -14.80
C HIS B 60 -1.53 -26.28 -14.18
N THR B 61 -1.01 -25.44 -15.06
CA THR B 61 -0.13 -24.36 -14.67
C THR B 61 -0.61 -23.01 -15.20
N LEU B 62 -0.54 -21.99 -14.32
CA LEU B 62 -0.71 -20.61 -14.76
C LEU B 62 0.67 -19.93 -14.63
N SER B 63 1.08 -19.26 -15.70
CA SER B 63 2.39 -18.63 -15.84
C SER B 63 2.22 -17.14 -16.10
N ILE B 64 2.80 -16.36 -15.19
CA ILE B 64 2.88 -14.89 -15.36
C ILE B 64 4.18 -14.52 -16.06
N GLU B 65 4.03 -13.89 -17.21
CA GLU B 65 5.09 -13.55 -18.10
C GLU B 65 5.30 -12.00 -18.06
N GLU B 66 6.56 -11.63 -18.19
CA GLU B 66 6.96 -10.20 -18.23
C GLU B 66 7.27 -9.82 -19.67
N HIS B 67 6.41 -9.03 -20.32
CA HIS B 67 6.60 -8.70 -21.75
C HIS B 67 7.22 -7.36 -22.04
N GLY B 68 7.32 -6.50 -21.05
CA GLY B 68 7.82 -5.12 -21.30
C GLY B 68 9.31 -5.04 -21.43
N ALA B 69 10.07 -5.82 -20.69
CA ALA B 69 11.52 -5.78 -20.70
C ALA B 69 12.14 -7.16 -20.84
N PHE B 70 11.44 -8.22 -20.44
CA PHE B 70 12.03 -9.56 -20.38
C PHE B 70 11.49 -10.48 -21.48
N GLY B 71 10.89 -9.91 -22.52
CA GLY B 71 10.69 -10.69 -23.74
C GLY B 71 9.64 -11.74 -23.63
N GLY B 72 8.87 -11.73 -22.55
CA GLY B 72 7.87 -12.75 -22.35
C GLY B 72 8.30 -13.84 -21.40
N LEU B 73 9.43 -13.71 -20.72
CA LEU B 73 9.92 -14.66 -19.74
C LEU B 73 8.89 -14.89 -18.64
N SER B 74 8.75 -16.17 -18.30
CA SER B 74 7.88 -16.64 -17.21
C SER B 74 8.56 -16.38 -15.85
N GLY B 75 7.99 -15.47 -15.04
CA GLY B 75 8.60 -15.12 -13.79
C GLY B 75 7.89 -15.53 -12.54
N GLN B 76 6.63 -15.98 -12.66
CA GLN B 76 5.88 -16.39 -11.49
C GLN B 76 4.81 -17.36 -11.96
N THR B 77 4.84 -18.54 -11.38
CA THR B 77 3.93 -19.60 -11.78
C THR B 77 3.30 -20.31 -10.56
N SER B 78 2.15 -20.97 -10.85
CA SER B 78 1.52 -21.78 -9.87
C SER B 78 0.84 -22.92 -10.61
N ASN B 79 0.69 -24.00 -9.84
CA ASN B 79 0.02 -25.19 -10.42
C ASN B 79 -1.16 -25.65 -9.54
N GLU B 80 -1.82 -26.64 -10.07
CA GLU B 80 -2.97 -27.24 -9.40
C GLU B 80 -2.64 -28.02 -8.16
N LYS B 81 -1.35 -28.26 -7.87
CA LYS B 81 -0.92 -28.90 -6.62
C LYS B 81 -0.50 -27.93 -5.59
N GLY B 82 -0.61 -26.62 -5.95
CA GLY B 82 -0.22 -25.59 -5.00
C GLY B 82 1.29 -25.31 -4.98
N LEU B 83 2.00 -25.74 -6.00
CA LEU B 83 3.41 -25.40 -6.12
C LEU B 83 3.49 -24.04 -6.77
N SER B 84 4.38 -23.20 -6.26
CA SER B 84 4.66 -21.84 -6.79
C SER B 84 6.16 -21.80 -7.17
N VAL B 85 6.47 -21.29 -8.32
CA VAL B 85 7.87 -21.05 -8.65
C VAL B 85 8.05 -19.61 -9.09
N MET B 86 9.24 -19.05 -8.93
CA MET B 86 9.41 -17.65 -9.30
C MET B 86 10.85 -17.29 -9.59
N ALA B 87 11.02 -16.35 -10.54
CA ALA B 87 12.34 -15.78 -10.85
C ALA B 87 12.28 -14.32 -10.50
N LEU B 88 13.26 -13.88 -9.74
CA LEU B 88 13.44 -12.43 -9.36
C LEU B 88 14.83 -12.01 -9.78
N SER B 89 15.00 -10.73 -10.06
CA SER B 89 16.35 -10.22 -10.37
CA SER B 89 16.34 -10.24 -10.40
C SER B 89 17.34 -10.48 -9.28
N GLN B 90 18.56 -10.85 -9.67
CA GLN B 90 19.64 -11.00 -8.70
C GLN B 90 20.91 -10.52 -9.41
N HIS B 91 21.10 -9.21 -9.44
CA HIS B 91 22.22 -8.60 -10.21
C HIS B 91 23.58 -9.14 -9.79
N ASP B 92 23.72 -9.52 -8.51
CA ASP B 92 25.01 -10.01 -8.02
C ASP B 92 25.41 -11.37 -8.57
N SER B 93 24.53 -12.08 -9.24
CA SER B 93 24.87 -13.30 -9.98
C SER B 93 25.43 -13.05 -11.35
N GLU B 94 25.27 -11.83 -11.86
CA GLU B 94 25.72 -11.52 -13.21
C GLU B 94 27.18 -11.95 -13.59
N PRO B 95 28.13 -11.73 -12.66
CA PRO B 95 29.50 -12.10 -12.98
C PRO B 95 29.79 -13.56 -13.17
N TYR B 96 28.87 -14.43 -12.78
CA TYR B 96 29.08 -15.86 -12.64
C TYR B 96 28.29 -16.65 -13.61
N LEU B 97 27.37 -16.01 -14.36
CA LEU B 97 26.45 -16.76 -15.22
C LEU B 97 27.11 -17.69 -16.20
N SER B 98 28.18 -17.19 -16.83
CA SER B 98 28.77 -17.97 -17.92
C SER B 98 29.67 -19.07 -17.34
N GLN B 99 29.90 -19.09 -16.02
CA GLN B 99 30.65 -20.13 -15.33
C GLN B 99 29.79 -21.27 -14.80
N HIS B 100 28.48 -21.22 -14.91
CA HIS B 100 27.65 -22.40 -14.56
C HIS B 100 28.13 -23.63 -15.40
N LYS B 101 28.38 -24.74 -14.71
CA LYS B 101 28.88 -25.94 -15.34
C LYS B 101 27.74 -26.79 -15.81
N ASP B 102 27.78 -27.19 -17.10
CA ASP B 102 26.80 -28.09 -17.71
C ASP B 102 26.92 -29.48 -17.12
N ASN B 103 25.92 -30.00 -16.38
CA ASN B 103 26.00 -31.35 -15.79
C ASN B 103 25.48 -32.44 -16.70
N GLY B 104 25.24 -32.12 -17.94
CA GLY B 104 24.65 -33.03 -18.92
C GLY B 104 23.15 -33.21 -18.98
N ALA B 105 22.44 -32.66 -17.97
CA ALA B 105 20.98 -32.71 -17.96
C ALA B 105 20.42 -31.84 -19.10
N PRO B 106 19.20 -32.17 -19.55
CA PRO B 106 18.54 -31.33 -20.54
C PRO B 106 18.29 -29.95 -19.91
N ALA B 107 18.79 -28.94 -20.59
CA ALA B 107 18.80 -27.56 -20.05
C ALA B 107 17.60 -26.76 -20.50
N VAL B 108 16.98 -26.04 -19.56
CA VAL B 108 15.77 -25.27 -19.84
C VAL B 108 16.11 -23.76 -19.89
N ASN B 109 15.77 -23.19 -21.02
CA ASN B 109 15.88 -21.76 -21.29
C ASN B 109 15.20 -21.04 -20.15
N THR B 110 15.88 -20.01 -19.64
CA THR B 110 15.34 -19.28 -18.51
C THR B 110 14.01 -18.55 -18.76
N ALA B 111 13.64 -18.32 -20.01
CA ALA B 111 12.29 -17.85 -20.33
C ALA B 111 11.18 -18.76 -19.89
N ASP B 112 11.46 -20.07 -19.85
CA ASP B 112 10.44 -21.07 -19.56
C ASP B 112 10.65 -21.88 -18.30
N VAL B 113 11.86 -21.90 -17.74
CA VAL B 113 12.12 -22.84 -16.64
C VAL B 113 11.17 -22.71 -15.46
N VAL B 114 10.74 -21.51 -15.14
CA VAL B 114 9.86 -21.33 -14.02
C VAL B 114 8.54 -22.08 -14.25
N SER B 115 8.03 -21.94 -15.45
CA SER B 115 6.76 -22.65 -15.84
C SER B 115 7.03 -24.12 -15.91
N PHE B 116 8.16 -24.50 -16.53
CA PHE B 116 8.50 -25.93 -16.63
C PHE B 116 8.43 -26.63 -15.28
N ILE B 117 8.97 -26.01 -14.23
CA ILE B 117 9.01 -26.64 -12.91
C ILE B 117 7.60 -26.89 -12.36
N THR B 118 6.71 -25.89 -12.44
CA THR B 118 5.34 -26.11 -12.03
C THR B 118 4.65 -27.16 -12.91
N GLU B 119 4.98 -27.22 -14.18
CA GLU B 119 4.27 -28.10 -15.06
C GLU B 119 4.72 -29.55 -14.75
N ARG B 120 5.89 -29.76 -14.16
CA ARG B 120 6.36 -31.15 -13.91
C ARG B 120 6.24 -31.68 -12.52
N TYR B 121 6.29 -30.84 -11.52
CA TYR B 121 6.46 -31.19 -10.16
C TYR B 121 5.36 -30.68 -9.24
N ALA B 122 5.20 -31.36 -8.13
CA ALA B 122 4.18 -31.04 -7.13
C ALA B 122 4.64 -30.46 -5.86
N THR B 123 5.87 -30.69 -5.47
CA THR B 123 6.35 -30.31 -4.14
C THR B 123 7.77 -29.81 -4.29
N THR B 124 8.23 -29.05 -3.29
CA THR B 124 9.57 -28.58 -3.31
C THR B 124 10.55 -29.76 -3.34
N ALA B 125 10.32 -30.74 -2.48
CA ALA B 125 11.23 -31.94 -2.46
C ALA B 125 11.34 -32.56 -3.81
N GLU B 126 10.25 -32.63 -4.55
CA GLU B 126 10.28 -33.25 -5.88
C GLU B 126 11.23 -32.51 -6.82
N VAL B 127 11.22 -31.17 -6.73
CA VAL B 127 12.04 -30.37 -7.63
C VAL B 127 13.51 -30.56 -7.24
N LYS B 128 13.80 -30.57 -5.96
CA LYS B 128 15.18 -30.74 -5.46
C LYS B 128 15.69 -32.12 -5.90
N ALA B 129 14.85 -33.17 -5.78
CA ALA B 129 15.19 -34.49 -6.27
C ALA B 129 15.44 -34.53 -7.75
N ALA B 130 14.59 -33.85 -8.53
CA ALA B 130 14.78 -33.79 -9.96
C ALA B 130 16.12 -33.12 -10.32
N LEU B 131 16.50 -32.04 -9.63
CA LEU B 131 17.78 -31.43 -9.87
C LEU B 131 18.89 -32.39 -9.51
N ASP B 132 18.80 -33.00 -8.34
CA ASP B 132 19.86 -33.87 -7.88
C ASP B 132 19.97 -35.08 -8.80
N ASN B 133 18.88 -35.55 -9.37
CA ASN B 133 18.91 -36.69 -10.31
C ASN B 133 19.17 -36.30 -11.75
N GLY B 134 19.46 -35.03 -12.03
CA GLY B 134 19.62 -34.62 -13.43
C GLY B 134 18.52 -34.70 -14.43
N GLU B 135 17.27 -34.58 -13.98
CA GLU B 135 16.13 -34.59 -14.84
C GLU B 135 16.09 -33.36 -15.78
N PHE B 136 16.58 -32.22 -15.25
CA PHE B 136 16.69 -30.95 -15.97
C PHE B 136 17.78 -30.10 -15.27
N GLN B 137 18.23 -29.07 -15.95
CA GLN B 137 18.94 -27.99 -15.28
C GLN B 137 18.44 -26.66 -15.82
N ILE B 138 18.72 -25.60 -15.06
CA ILE B 138 18.46 -24.23 -15.50
C ILE B 138 19.63 -23.79 -16.43
N ALA B 139 19.32 -23.20 -17.59
CA ALA B 139 20.31 -22.75 -18.55
C ALA B 139 20.86 -21.38 -18.21
N TRP B 140 21.55 -21.37 -17.11
CA TRP B 140 22.07 -20.16 -16.50
C TRP B 140 22.91 -19.33 -17.44
N ALA B 141 23.71 -20.03 -18.25
CA ALA B 141 24.63 -19.34 -19.15
C ALA B 141 24.04 -18.90 -20.47
N SER B 142 22.80 -19.28 -20.74
CA SER B 142 22.18 -18.94 -22.00
C SER B 142 21.25 -17.76 -21.89
N ALA B 143 21.24 -16.88 -22.86
CA ALA B 143 20.27 -15.79 -22.91
C ALA B 143 18.82 -16.35 -22.83
N PRO B 144 17.90 -15.62 -22.18
CA PRO B 144 16.47 -15.95 -22.27
C PRO B 144 16.08 -15.80 -23.71
N ASN B 145 15.09 -16.55 -24.12
CA ASN B 145 14.50 -16.35 -25.46
C ASN B 145 14.33 -14.92 -25.89
N GLY B 146 14.88 -14.62 -27.06
CA GLY B 146 14.74 -13.32 -27.68
C GLY B 146 15.64 -12.22 -27.14
N MET B 147 16.47 -12.52 -26.16
CA MET B 147 17.28 -11.49 -25.52
CA MET B 147 17.28 -11.49 -25.52
C MET B 147 18.74 -11.73 -25.88
N GLU B 148 19.57 -10.72 -25.70
CA GLU B 148 21.00 -10.83 -26.12
C GLU B 148 21.87 -11.59 -25.15
N HIS B 149 21.68 -11.42 -23.84
CA HIS B 149 22.63 -11.84 -22.79
C HIS B 149 21.92 -12.68 -21.76
N ALA B 150 22.68 -13.58 -21.14
CA ALA B 150 22.19 -14.33 -19.99
C ALA B 150 21.69 -13.33 -18.93
N ALA B 151 20.55 -13.63 -18.35
CA ALA B 151 19.94 -12.75 -17.37
C ALA B 151 20.35 -13.08 -15.95
N PRO B 152 20.60 -12.05 -15.11
CA PRO B 152 20.89 -12.37 -13.72
C PRO B 152 19.64 -12.50 -12.88
N LEU B 153 19.21 -13.73 -12.67
CA LEU B 153 18.01 -14.03 -11.91
C LEU B 153 18.38 -14.99 -10.82
N HIS B 154 17.56 -15.07 -9.77
CA HIS B 154 17.56 -16.18 -8.83
C HIS B 154 16.14 -16.74 -8.80
N TYR B 155 16.04 -18.03 -8.44
CA TYR B 155 14.78 -18.79 -8.49
C TYR B 155 14.45 -19.35 -7.13
N SER B 156 13.14 -19.51 -6.91
CA SER B 156 12.70 -20.17 -5.70
C SER B 156 11.42 -20.95 -5.99
N VAL B 157 11.21 -21.97 -5.15
CA VAL B 157 10.07 -22.87 -5.23
C VAL B 157 9.48 -22.84 -3.84
N VAL B 158 8.15 -22.66 -3.81
CA VAL B 158 7.44 -22.68 -2.57
C VAL B 158 6.23 -23.61 -2.78
N ASP B 159 6.13 -24.65 -1.93
CA ASP B 159 4.99 -25.58 -2.07
C ASP B 159 3.85 -25.33 -1.09
N ALA B 160 2.75 -26.08 -1.21
CA ALA B 160 1.56 -25.76 -0.49
C ALA B 160 1.73 -26.01 1.05
N ASP B 161 2.77 -26.84 1.44
CA ASP B 161 3.06 -27.01 2.84
C ASP B 161 4.13 -26.10 3.35
N GLY B 162 4.51 -25.09 2.56
CA GLY B 162 5.40 -24.09 3.09
C GLY B 162 6.89 -24.45 2.99
N ASN B 163 7.20 -25.47 2.22
CA ASN B 163 8.65 -25.79 2.00
C ASN B 163 9.17 -24.90 0.90
N ILE B 164 10.32 -24.30 1.20
CA ILE B 164 10.96 -23.33 0.28
C ILE B 164 12.34 -23.81 -0.17
N MET B 165 12.63 -23.65 -1.44
CA MET B 165 13.99 -23.80 -1.94
C MET B 165 14.36 -22.52 -2.74
N LEU B 166 15.53 -21.97 -2.43
CA LEU B 166 16.15 -20.88 -3.16
C LEU B 166 17.32 -21.44 -3.93
N ILE B 167 17.36 -21.10 -5.20
CA ILE B 167 18.39 -21.58 -6.15
C ILE B 167 19.10 -20.35 -6.63
N GLN B 168 20.38 -20.17 -6.26
CA GLN B 168 21.05 -18.91 -6.49
C GLN B 168 22.46 -19.20 -7.01
N LEU B 169 22.81 -18.57 -8.12
CA LEU B 169 24.14 -18.75 -8.71
C LEU B 169 25.12 -17.82 -8.05
N VAL B 170 26.22 -18.39 -7.51
CA VAL B 170 27.16 -17.67 -6.66
C VAL B 170 28.60 -17.84 -7.26
N LYS B 171 29.59 -17.40 -6.48
CA LYS B 171 31.01 -17.39 -6.90
C LYS B 171 31.38 -18.66 -7.60
N GLY B 172 32.10 -18.52 -8.76
CA GLY B 172 32.56 -19.68 -9.51
C GLY B 172 31.54 -20.37 -10.33
N GLY B 173 30.30 -19.81 -10.37
CA GLY B 173 29.25 -20.44 -11.14
C GLY B 173 28.61 -21.58 -10.33
N GLU B 174 28.84 -21.64 -9.02
CA GLU B 174 28.21 -22.64 -8.20
C GLU B 174 26.68 -22.36 -8.13
N GLN B 175 25.89 -23.39 -8.36
CA GLN B 175 24.46 -23.30 -8.10
C GLN B 175 24.25 -23.63 -6.63
N LYS B 176 24.03 -22.64 -5.78
CA LYS B 176 23.83 -22.81 -4.39
C LYS B 176 22.36 -23.01 -4.10
N ILE B 177 22.06 -24.02 -3.30
CA ILE B 177 20.70 -24.34 -2.93
C ILE B 177 20.49 -24.07 -1.44
N TYR B 178 19.44 -23.33 -1.08
CA TYR B 178 19.11 -23.04 0.30
C TYR B 178 17.71 -23.61 0.53
N LEU B 179 17.53 -24.32 1.69
CA LEU B 179 16.22 -24.90 2.07
C LEU B 179 15.81 -24.38 3.40
N GLY B 180 14.45 -24.23 3.57
CA GLY B 180 13.88 -23.73 4.78
C GLY B 180 12.36 -23.71 4.58
N ASP B 181 11.63 -23.40 5.60
CA ASP B 181 10.18 -23.36 5.45
C ASP B 181 9.71 -21.92 5.56
N ALA B 182 8.42 -21.76 5.65
CA ALA B 182 7.85 -20.42 5.59
C ALA B 182 7.96 -19.68 6.86
N GLU B 183 8.56 -20.23 7.91
CA GLU B 183 8.97 -19.53 9.08
C GLU B 183 10.44 -19.24 9.15
N SER B 184 11.21 -19.68 8.19
CA SER B 184 12.61 -19.33 8.09
C SER B 184 12.77 -17.99 7.41
N ASP B 185 14.00 -17.51 7.40
CA ASP B 185 14.31 -16.30 6.65
C ASP B 185 14.12 -16.46 5.16
N LEU B 186 14.05 -17.65 4.60
CA LEU B 186 13.84 -17.87 3.19
C LEU B 186 12.40 -17.50 2.78
N ARG B 187 11.55 -17.27 3.77
CA ARG B 187 10.18 -16.79 3.46
C ARG B 187 10.23 -15.43 2.78
N VAL B 188 11.34 -14.71 2.91
CA VAL B 188 11.59 -13.42 2.27
C VAL B 188 12.64 -13.59 1.20
N LYS B 189 12.37 -13.14 -0.02
CA LYS B 189 13.39 -13.08 -1.10
C LYS B 189 13.21 -11.74 -1.83
N THR B 190 14.31 -11.08 -2.15
CA THR B 190 14.30 -9.84 -2.89
C THR B 190 15.25 -9.92 -4.03
N ASN B 191 16.21 -8.98 -4.10
CA ASN B 191 17.16 -8.89 -5.20
C ASN B 191 18.54 -8.94 -4.62
N ASP B 192 19.49 -8.27 -5.25
CA ASP B 192 20.87 -8.22 -4.68
C ASP B 192 20.89 -7.61 -3.28
N PRO B 193 21.82 -8.01 -2.41
CA PRO B 193 22.98 -8.83 -2.69
C PRO B 193 22.63 -10.35 -2.69
N LEU B 194 23.66 -11.20 -2.66
CA LEU B 194 23.43 -12.62 -2.54
C LEU B 194 22.97 -12.99 -1.12
N GLN B 195 22.34 -14.16 -0.99
CA GLN B 195 21.72 -14.56 0.28
C GLN B 195 22.66 -14.55 1.46
N GLU B 196 23.94 -14.91 1.24
CA GLU B 196 24.89 -14.86 2.41
C GLU B 196 25.10 -13.47 2.89
N LYS B 197 25.08 -12.50 1.98
CA LYS B 197 25.23 -11.14 2.35
C LYS B 197 24.00 -10.49 3.06
N HIS B 198 22.79 -10.85 2.61
CA HIS B 198 21.60 -10.53 3.38
C HIS B 198 21.65 -11.09 4.82
N ARG B 199 22.08 -12.35 4.94
CA ARG B 199 22.17 -12.98 6.23
C ARG B 199 23.18 -12.30 7.14
N GLU B 200 24.31 -11.90 6.54
CA GLU B 200 25.26 -11.14 7.35
C GLU B 200 24.70 -9.81 7.84
N TYR B 201 24.08 -9.08 6.92
CA TYR B 201 23.45 -7.84 7.24
C TYR B 201 22.46 -7.97 8.39
N MET B 202 21.69 -9.03 8.37
CA MET B 202 20.62 -9.24 9.33
C MET B 202 21.06 -9.58 10.71
N GLN B 203 22.30 -10.02 10.84
CA GLN B 203 22.86 -10.35 12.19
C GLN B 203 22.85 -9.16 13.13
N GLN B 204 22.92 -7.95 12.64
CA GLN B 204 22.85 -6.84 13.52
C GLN B 204 21.47 -6.50 14.06
N PHE B 205 20.40 -7.15 13.58
CA PHE B 205 19.07 -6.81 14.00
C PHE B 205 18.45 -7.91 14.78
N ASP B 206 17.92 -7.58 15.94
CA ASP B 206 17.17 -8.52 16.77
C ASP B 206 15.68 -8.51 16.38
N LEU B 207 15.30 -9.48 15.54
CA LEU B 207 13.93 -9.53 15.04
C LEU B 207 12.88 -9.71 16.12
N LYS B 208 13.27 -10.18 17.31
CA LYS B 208 12.31 -10.35 18.36
C LYS B 208 11.85 -9.01 18.91
N ASP B 209 12.57 -7.92 18.68
CA ASP B 209 12.19 -6.62 19.22
C ASP B 209 11.10 -6.04 18.28
N PRO B 210 9.88 -5.81 18.79
CA PRO B 210 8.80 -5.26 17.95
C PRO B 210 9.06 -3.93 17.38
N SER B 211 10.03 -3.19 17.93
CA SER B 211 10.43 -1.89 17.37
C SER B 211 11.56 -2.00 16.32
N VAL B 212 11.98 -3.23 16.00
CA VAL B 212 13.22 -3.40 15.20
C VAL B 212 13.16 -2.75 13.78
N ALA B 213 11.98 -2.71 13.19
CA ALA B 213 11.91 -2.10 11.83
C ALA B 213 12.25 -0.62 11.89
N THR B 214 11.99 -0.01 13.06
CA THR B 214 12.32 1.42 13.25
C THR B 214 13.81 1.69 13.33
N LYS B 215 14.60 0.63 13.54
CA LYS B 215 16.04 0.68 13.67
C LYS B 215 16.72 0.36 12.36
N MET B 216 15.96 0.03 11.33
CA MET B 216 16.50 -0.41 10.04
C MET B 216 16.55 0.71 9.00
N PRO B 217 17.66 0.93 8.33
CA PRO B 217 17.67 1.89 7.26
C PRO B 217 16.65 1.58 6.19
N TRP B 218 16.10 2.62 5.59
CA TRP B 218 15.17 2.46 4.47
C TRP B 218 15.82 2.83 3.18
N SER B 219 15.58 2.06 2.14
CA SER B 219 15.88 2.38 0.80
C SER B 219 15.01 1.47 -0.10
N ILE B 220 15.15 1.64 -1.39
CA ILE B 220 14.44 0.81 -2.40
C ILE B 220 15.22 -0.40 -2.79
N GLY B 221 16.47 -0.60 -2.30
CA GLY B 221 17.23 -1.75 -2.68
C GLY B 221 16.79 -3.06 -2.05
N GLY B 222 17.24 -4.13 -2.68
CA GLY B 222 16.98 -5.44 -2.21
C GLY B 222 17.38 -5.65 -0.80
N LEU B 223 18.52 -5.09 -0.41
CA LEU B 223 18.98 -5.25 1.00
C LEU B 223 17.97 -4.80 2.00
N GLU B 224 17.49 -3.54 1.81
CA GLU B 224 16.59 -2.96 2.77
C GLU B 224 15.17 -3.55 2.69
N ARG B 225 14.77 -3.96 1.54
CA ARG B 225 13.47 -4.64 1.43
C ARG B 225 13.51 -6.02 2.08
N ASN B 226 14.62 -6.74 1.99
CA ASN B 226 14.70 -8.05 2.67
C ASN B 226 14.58 -7.79 4.16
N SER B 227 15.37 -6.84 4.71
CA SER B 227 15.35 -6.60 6.13
C SER B 227 14.02 -6.20 6.67
N ARG B 228 13.36 -5.34 5.92
CA ARG B 228 12.09 -4.83 6.40
C ARG B 228 10.97 -5.85 6.29
N LEU B 229 11.01 -6.67 5.23
CA LEU B 229 10.03 -7.74 5.17
C LEU B 229 10.20 -8.74 6.31
N LEU B 230 11.43 -9.04 6.67
CA LEU B 230 11.63 -9.97 7.77
C LEU B 230 11.13 -9.37 9.07
N ALA B 231 11.46 -8.12 9.36
CA ALA B 231 11.02 -7.50 10.56
C ALA B 231 9.51 -7.43 10.65
N MET B 232 8.85 -6.93 9.58
CA MET B 232 7.45 -6.68 9.68
C MET B 232 6.67 -8.01 9.70
N SER B 233 7.13 -9.05 8.95
CA SER B 233 6.45 -10.31 9.02
C SER B 233 6.64 -11.01 10.30
N THR B 234 7.69 -10.69 11.06
CA THR B 234 7.89 -11.36 12.39
C THR B 234 6.78 -11.00 13.34
N HIS B 235 6.34 -9.73 13.31
CA HIS B 235 5.37 -9.22 14.27
C HIS B 235 3.99 -9.13 13.68
N MET B 236 3.76 -9.78 12.56
CA MET B 236 2.46 -9.85 12.01
C MET B 236 1.70 -10.89 12.81
N ASP B 237 0.52 -10.51 13.26
CA ASP B 237 -0.26 -11.33 14.16
C ASP B 237 -1.61 -11.56 13.55
N LEU B 238 -1.82 -12.80 13.11
CA LEU B 238 -2.98 -13.19 12.35
C LEU B 238 -4.10 -13.79 13.17
N GLU B 239 -3.92 -13.79 14.49
CA GLU B 239 -4.95 -14.36 15.36
C GLU B 239 -6.25 -13.66 15.32
N GLY B 240 -7.32 -14.48 15.22
CA GLY B 240 -8.65 -14.02 15.21
C GLY B 240 -9.14 -13.36 13.95
N LEU B 241 -8.36 -13.35 12.87
CA LEU B 241 -8.79 -12.68 11.68
C LEU B 241 -9.57 -13.65 10.79
N SER B 242 -10.51 -13.09 10.03
CA SER B 242 -11.16 -13.77 9.00
C SER B 242 -10.24 -14.02 7.82
N TYR B 243 -10.68 -14.83 6.87
CA TYR B 243 -9.85 -14.98 5.65
C TYR B 243 -9.57 -13.64 4.93
N THR B 244 -10.59 -12.83 4.71
CA THR B 244 -10.40 -11.56 4.03
C THR B 244 -9.41 -10.73 4.81
N GLU B 245 -9.58 -10.65 6.12
CA GLU B 245 -8.68 -9.87 6.95
C GLU B 245 -7.26 -10.36 6.93
N THR B 246 -7.10 -11.69 6.78
CA THR B 246 -5.75 -12.29 6.73
C THR B 246 -5.08 -11.93 5.43
N VAL B 247 -5.73 -12.08 4.32
CA VAL B 247 -5.19 -11.70 3.01
C VAL B 247 -4.78 -10.21 3.06
N ALA B 248 -5.71 -9.39 3.61
CA ALA B 248 -5.41 -7.93 3.68
C ALA B 248 -4.27 -7.62 4.57
N ARG B 249 -4.14 -8.39 5.64
CA ARG B 249 -3.06 -8.17 6.56
C ARG B 249 -1.74 -8.47 5.92
N GLN B 250 -1.65 -9.60 5.24
CA GLN B 250 -0.35 -9.85 4.53
C GLN B 250 -0.09 -8.77 3.52
N LYS B 251 -1.12 -8.37 2.76
CA LYS B 251 -0.94 -7.33 1.72
C LYS B 251 -0.44 -6.03 2.23
N GLY B 252 -1.03 -5.59 3.33
CA GLY B 252 -0.70 -4.29 3.90
C GLY B 252 0.72 -4.30 4.50
N THR B 253 1.00 -5.39 5.19
CA THR B 253 2.32 -5.55 5.79
C THR B 253 3.38 -5.62 4.74
N PHE B 254 3.15 -6.45 3.73
CA PHE B 254 4.06 -6.50 2.58
C PHE B 254 4.25 -5.17 1.89
N ASP B 255 3.15 -4.43 1.68
CA ASP B 255 3.30 -3.19 0.93
C ASP B 255 4.15 -2.23 1.74
N ALA B 256 3.90 -2.15 3.06
CA ALA B 256 4.63 -1.20 3.91
C ALA B 256 6.14 -1.55 3.84
N ALA B 257 6.45 -2.84 3.79
CA ALA B 257 7.86 -3.23 3.74
C ALA B 257 8.49 -3.15 2.45
N ALA B 258 7.74 -3.33 1.36
CA ALA B 258 8.38 -3.58 0.11
C ALA B 258 7.80 -2.94 -1.18
N LEU B 259 6.65 -2.26 -1.10
CA LEU B 259 6.13 -1.58 -2.34
C LEU B 259 7.06 -0.47 -2.68
N VAL B 260 7.55 -0.38 -3.89
CA VAL B 260 8.55 0.65 -4.26
C VAL B 260 7.76 1.77 -5.01
N PRO B 261 7.77 2.99 -4.50
CA PRO B 261 7.03 4.07 -5.17
C PRO B 261 7.87 4.62 -6.31
N PHE B 262 7.16 5.23 -7.24
CA PHE B 262 7.81 6.01 -8.30
C PHE B 262 8.46 7.22 -7.74
N GLY B 263 9.55 7.58 -8.41
CA GLY B 263 10.20 8.89 -8.12
C GLY B 263 11.40 8.80 -7.21
N VAL B 264 11.53 7.76 -6.41
CA VAL B 264 12.67 7.63 -5.54
C VAL B 264 13.83 6.99 -6.26
N GLN B 265 14.99 7.65 -6.25
CA GLN B 265 16.20 7.17 -6.86
CA GLN B 265 16.18 7.16 -6.90
C GLN B 265 17.09 6.48 -5.87
N ASP B 266 17.64 5.29 -6.24
CA ASP B 266 18.56 4.55 -5.39
C ASP B 266 19.94 5.17 -5.62
N PRO B 267 20.57 5.70 -4.58
CA PRO B 267 21.93 6.26 -4.84
C PRO B 267 22.94 5.24 -5.27
N LYS B 268 22.74 3.96 -4.92
CA LYS B 268 23.63 2.89 -5.39
C LYS B 268 23.53 2.60 -6.85
N THR B 269 22.42 2.91 -7.51
CA THR B 269 22.30 2.64 -8.92
C THR B 269 22.16 3.86 -9.81
N GLY B 270 21.79 5.00 -9.25
CA GLY B 270 21.43 6.15 -9.98
C GLY B 270 20.13 6.03 -10.76
N GLU B 271 19.30 5.05 -10.34
CA GLU B 271 18.08 4.73 -11.03
C GLU B 271 16.95 4.53 -10.00
N ASP B 272 15.73 4.53 -10.50
CA ASP B 272 14.60 4.20 -9.70
C ASP B 272 14.34 2.71 -9.79
N TYR B 273 13.26 2.27 -9.15
CA TYR B 273 12.94 0.80 -9.24
C TYR B 273 11.49 0.55 -8.84
N PRO B 274 10.54 1.32 -9.37
CA PRO B 274 9.16 1.18 -8.89
C PRO B 274 8.52 -0.19 -9.07
N SER B 275 7.61 -0.50 -8.17
CA SER B 275 6.73 -1.67 -8.36
C SER B 275 5.72 -1.42 -9.45
N PHE B 276 5.61 -2.33 -10.42
CA PHE B 276 4.59 -2.22 -11.49
C PHE B 276 3.34 -3.04 -11.27
N PHE B 277 3.50 -4.24 -10.77
CA PHE B 277 2.40 -5.13 -10.53
C PHE B 277 2.75 -6.10 -9.38
N SER B 278 1.70 -6.67 -8.81
CA SER B 278 1.89 -7.68 -7.77
C SER B 278 0.89 -8.79 -7.89
N MET B 279 1.28 -9.92 -7.31
CA MET B 279 0.44 -11.10 -7.21
CA MET B 279 0.41 -11.06 -7.21
C MET B 279 0.37 -11.59 -5.78
N GLN B 280 -0.84 -12.02 -5.39
CA GLN B 280 -1.03 -12.68 -4.13
C GLN B 280 -1.68 -14.05 -4.43
N TYR B 281 -1.22 -15.07 -3.74
CA TYR B 281 -1.71 -16.45 -3.94
C TYR B 281 -2.01 -17.10 -2.65
N ASN B 282 -3.09 -17.86 -2.58
CA ASN B 282 -3.30 -18.84 -1.52
C ASN B 282 -2.99 -20.20 -2.12
N LEU B 283 -1.82 -20.78 -1.77
CA LEU B 283 -1.42 -22.01 -2.39
C LEU B 283 -2.32 -23.19 -2.03
N ASP B 284 -3.04 -23.06 -0.91
CA ASP B 284 -3.89 -24.21 -0.53
C ASP B 284 -5.21 -24.22 -1.26
N ASN B 285 -5.68 -23.11 -1.81
CA ASN B 285 -7.02 -23.12 -2.47
C ASN B 285 -7.16 -22.55 -3.84
N GLY B 286 -6.04 -22.10 -4.40
CA GLY B 286 -6.03 -21.59 -5.74
C GLY B 286 -6.41 -20.12 -5.94
N ASP B 287 -6.66 -19.37 -4.85
CA ASP B 287 -7.02 -17.99 -4.98
C ASP B 287 -5.83 -17.16 -5.47
N ILE B 288 -6.11 -16.25 -6.40
CA ILE B 288 -5.09 -15.39 -6.99
C ILE B 288 -5.58 -13.98 -7.04
N TRP B 289 -4.78 -12.99 -6.62
CA TRP B 289 -5.06 -11.58 -6.83
C TRP B 289 -4.00 -10.97 -7.66
N PHE B 290 -4.37 -10.31 -8.75
CA PHE B 290 -3.43 -9.63 -9.61
C PHE B 290 -3.72 -8.12 -9.50
N ARG B 291 -2.72 -7.35 -9.05
CA ARG B 291 -2.87 -5.93 -8.85
C ARG B 291 -1.90 -5.21 -9.76
N SER B 292 -2.35 -4.17 -10.47
CA SER B 292 -1.49 -3.25 -11.20
C SER B 292 -1.30 -1.98 -10.35
N LEU B 293 -0.08 -1.57 -10.09
CA LEU B 293 0.19 -0.35 -9.41
C LEU B 293 0.06 0.83 -10.35
N MET B 294 -0.01 0.63 -11.65
CA MET B 294 -0.17 1.80 -12.57
C MET B 294 -1.59 2.32 -12.48
N SER B 295 -2.59 1.43 -12.45
CA SER B 295 -4.00 1.83 -12.24
C SER B 295 -4.51 1.76 -10.84
N GLY B 296 -3.80 1.05 -9.96
CA GLY B 296 -4.25 0.73 -8.67
C GLY B 296 -5.34 -0.35 -8.62
N LYS B 297 -5.63 -0.97 -9.71
CA LYS B 297 -6.76 -1.88 -9.76
C LYS B 297 -6.30 -3.31 -9.61
N GLU B 298 -7.23 -4.14 -9.23
CA GLU B 298 -6.92 -5.52 -8.90
CA GLU B 298 -6.90 -5.55 -9.04
C GLU B 298 -8.07 -6.40 -9.36
N ILE B 299 -7.79 -7.65 -9.62
CA ILE B 299 -8.80 -8.66 -9.92
CA ILE B 299 -8.84 -8.61 -9.82
C ILE B 299 -8.48 -9.87 -9.07
N LYS B 300 -9.50 -10.50 -8.54
CA LYS B 300 -9.37 -11.72 -7.83
C LYS B 300 -9.96 -12.82 -8.70
N PHE B 301 -9.26 -13.96 -8.77
CA PHE B 301 -9.74 -15.10 -9.47
C PHE B 301 -9.14 -16.34 -8.78
N ASN B 302 -9.33 -17.45 -9.45
CA ASN B 302 -8.90 -18.75 -8.85
C ASN B 302 -8.38 -19.59 -9.99
N LEU B 303 -7.32 -20.31 -9.71
CA LEU B 303 -6.71 -21.22 -10.75
C LEU B 303 -7.81 -22.16 -11.32
N GLU B 304 -8.72 -22.58 -10.48
CA GLU B 304 -9.84 -23.45 -10.91
C GLU B 304 -10.64 -22.89 -12.08
N ASP B 305 -10.71 -21.57 -12.18
CA ASP B 305 -11.45 -20.92 -13.26
C ASP B 305 -10.90 -21.26 -14.59
N THR B 306 -9.62 -21.66 -14.65
CA THR B 306 -8.97 -21.94 -15.89
C THR B 306 -8.85 -23.45 -16.16
N LYS B 307 -9.36 -24.27 -15.24
CA LYS B 307 -9.19 -25.70 -15.32
C LYS B 307 -10.00 -26.29 -16.48
N GLN B 308 -11.02 -25.60 -16.97
CA GLN B 308 -11.80 -26.07 -18.13
C GLN B 308 -11.03 -25.94 -19.47
N PHE B 309 -9.98 -25.10 -19.57
CA PHE B 309 -9.30 -24.83 -20.83
C PHE B 309 -8.60 -26.11 -21.36
N LYS B 310 -8.93 -26.45 -22.59
CA LYS B 310 -8.37 -27.68 -23.19
C LYS B 310 -7.23 -27.43 -24.13
N THR B 311 -6.83 -26.18 -24.39
CA THR B 311 -5.69 -25.85 -25.17
C THR B 311 -4.97 -24.67 -24.41
N PRO B 312 -3.68 -24.46 -24.62
CA PRO B 312 -3.13 -23.25 -23.97
C PRO B 312 -3.84 -21.95 -24.32
N MET B 313 -3.91 -21.07 -23.33
CA MET B 313 -4.58 -19.78 -23.48
C MET B 313 -3.72 -18.67 -22.93
N HIS B 314 -4.00 -17.47 -23.39
CA HIS B 314 -3.18 -16.32 -22.97
C HIS B 314 -4.07 -15.12 -22.65
N ALA B 315 -3.61 -14.27 -21.73
CA ALA B 315 -4.29 -13.00 -21.48
C ALA B 315 -3.29 -11.90 -21.17
N ASP B 316 -3.51 -10.74 -21.74
CA ASP B 316 -2.71 -9.52 -21.40
C ASP B 316 -3.26 -8.94 -20.10
N ILE B 317 -3.05 -9.64 -18.97
CA ILE B 317 -3.78 -9.41 -17.77
C ILE B 317 -3.56 -7.98 -17.24
N MET B 318 -2.32 -7.48 -17.29
CA MET B 318 -2.10 -6.14 -16.73
C MET B 318 -2.85 -5.08 -17.52
N ALA B 319 -2.77 -5.24 -18.83
CA ALA B 319 -3.54 -4.31 -19.71
C ALA B 319 -5.02 -4.34 -19.44
N GLN B 320 -5.60 -5.53 -19.29
CA GLN B 320 -7.04 -5.65 -19.00
C GLN B 320 -7.40 -5.04 -17.64
N VAL B 321 -6.59 -5.30 -16.60
CA VAL B 321 -6.84 -4.80 -15.29
C VAL B 321 -6.77 -3.23 -15.32
N ASP B 322 -5.78 -2.74 -16.03
CA ASP B 322 -5.58 -1.26 -16.14
C ASP B 322 -6.74 -0.59 -16.84
N LYS B 323 -7.37 -1.30 -17.76
CA LYS B 323 -8.61 -0.77 -18.39
C LYS B 323 -9.86 -0.97 -17.62
N GLY B 324 -9.83 -1.53 -16.42
CA GLY B 324 -10.96 -1.66 -15.59
C GLY B 324 -11.67 -2.97 -15.75
N ALA B 325 -11.09 -3.93 -16.43
CA ALA B 325 -11.73 -5.24 -16.43
C ALA B 325 -11.94 -5.90 -15.04
N GLN B 326 -13.08 -6.55 -14.92
CA GLN B 326 -13.48 -7.27 -13.69
C GLN B 326 -13.33 -8.77 -13.85
N THR B 327 -13.32 -9.21 -15.10
CA THR B 327 -13.00 -10.64 -15.45
C THR B 327 -11.99 -10.71 -16.57
N ILE B 328 -11.31 -11.84 -16.64
CA ILE B 328 -10.23 -11.98 -17.62
C ILE B 328 -10.78 -12.44 -18.98
N THR B 329 -10.34 -11.81 -20.04
CA THR B 329 -10.53 -12.28 -21.38
C THR B 329 -9.32 -13.08 -21.84
N TRP B 330 -9.60 -14.35 -22.18
CA TRP B 330 -8.56 -15.26 -22.65
C TRP B 330 -8.63 -15.51 -24.16
N SER B 331 -7.49 -15.68 -24.76
CA SER B 331 -7.34 -15.96 -26.18
C SER B 331 -6.52 -17.22 -26.38
N LYS B 332 -6.71 -17.88 -27.50
CA LYS B 332 -5.99 -19.10 -27.81
C LYS B 332 -4.58 -18.79 -28.18
N MET B 333 -3.64 -19.56 -27.68
CA MET B 333 -2.12 -19.21 -28.00
CA MET B 333 -2.13 -19.18 -28.02
C MET B 333 -1.58 -19.63 -29.51
C1 OOA C . -6.54 10.47 13.85
C2 OOA C . -7.55 10.24 14.96
C3 OOA C . -8.64 11.24 14.99
C4 OOA C . -10.10 10.79 15.04
O1 OOA C . -8.29 12.38 15.03
C5 OOA C . -10.90 10.94 13.74
C6 OOA C . -10.56 9.92 12.68
C7 OOA C . -10.78 10.26 11.21
C8 OOA C . -12.15 10.10 10.62
O3 OOA C . -5.50 11.12 14.03
O31 OOA C . -6.82 9.82 12.79
C1 GOL D . -8.03 34.41 15.82
O1 GOL D . -8.75 33.65 14.86
C2 GOL D . -8.83 34.38 17.15
O2 GOL D . -10.17 34.80 16.89
C3 GOL D . -8.25 35.27 18.23
O3 GOL D . -9.06 35.10 19.42
C1 OOA E . 11.78 -9.12 -11.40
C2 OOA E . 12.14 -9.44 -12.84
C3 OOA E . 11.76 -10.76 -13.43
C4 OOA E . 10.85 -10.84 -14.63
O1 OOA E . 12.26 -11.76 -13.04
C5 OOA E . 9.56 -11.58 -14.26
C6 OOA E . 8.51 -10.66 -13.66
C7 OOA E . 7.42 -11.35 -12.88
C8 OOA E . 6.40 -12.13 -13.63
O3 OOA E . 12.74 -9.05 -10.63
O31 OOA E . 10.59 -8.81 -11.05
C1 GOL F . -8.13 -8.80 0.01
O1 GOL F . -9.42 -8.19 0.12
C2 GOL F . -7.39 -8.06 -1.12
O2 GOL F . -7.09 -6.73 -0.63
C3 GOL F . -6.02 -8.69 -1.58
O3 GOL F . -5.41 -7.84 -2.57
#